data_6RXR
#
_entry.id   6RXR
#
_cell.length_a   61.380
_cell.length_b   94.070
_cell.length_c   94.060
_cell.angle_alpha   90.000
_cell.angle_beta   90.030
_cell.angle_gamma   90.000
#
_symmetry.space_group_name_H-M   'P 1 21 1'
#
loop_
_entity.id
_entity.type
_entity.pdbx_description
1 polymer 'NAD-dependent protein deacylase'
2 polymer 'Histone H4'
3 non-polymer '[[(2~{R},3~{S},4~{R},5~{R})-5-(6-aminopurin-9-yl)-3,4-bis(oxidanyl)oxolan-2-yl]methoxy-oxidanyl-phosphoryl] [(2~{R},3~{R},4~{R},5~{S})-4-[(~{E})-but-2-enoxy]-3,5-bis(oxidanyl)oxolan-2-yl]methyl hydrogen phosphate'
4 water water
#
loop_
_entity_poly.entity_id
_entity_poly.type
_entity_poly.pdbx_seq_one_letter_code
_entity_poly.pdbx_strand_id
1 'polypeptide(L)'
;MGSSHHHHHHSQDPKPRVLVLTGAGISAESGIRTFRAADGLWEEHRVEDVGTPEGFDRDPELVQAFYNARRRQLQQPEIQ
PNAAHLALAKLQDALGDRFLLVTQNCDNLHERAGNTNVIHMHGELLKVRCSQSGQALDWTGDVTPEDKCHCCQFPAPLRP
HVVWFGEMPLGMDEIYMALSMADIFIAIGTSGHVYPAAGFVHEAKLHGAHTVELNLEPSQVGNEFAEKYYGPASQVVPEF
VEKLLKGLKAGSIA
;
A,B,C,D
2 'polypeptide(L)' KGGAKRHRKIL E,F,G,H
#
# COMPACT_ATOMS: atom_id res chain seq x y z
N LYS A 15 -21.05 -19.77 -32.64
CA LYS A 15 -19.75 -20.09 -32.05
C LYS A 15 -19.78 -20.01 -30.52
N PRO A 16 -18.97 -20.85 -29.85
CA PRO A 16 -18.93 -20.82 -28.38
C PRO A 16 -18.33 -19.53 -27.85
N ARG A 17 -18.82 -19.08 -26.71
CA ARG A 17 -18.16 -18.01 -25.99
C ARG A 17 -16.99 -18.61 -25.24
N VAL A 18 -15.80 -18.06 -25.48
CA VAL A 18 -14.59 -18.61 -24.86
C VAL A 18 -13.92 -17.56 -23.99
N LEU A 19 -13.66 -17.92 -22.74
CA LEU A 19 -12.96 -17.05 -21.82
C LEU A 19 -11.64 -17.72 -21.45
N VAL A 20 -10.53 -17.03 -21.66
CA VAL A 20 -9.22 -17.57 -21.33
C VAL A 20 -8.59 -16.77 -20.19
N LEU A 21 -8.12 -17.49 -19.17
CA LEU A 21 -7.34 -16.94 -18.09
C LEU A 21 -5.90 -17.38 -18.23
N THR A 22 -4.96 -16.43 -18.21
CA THR A 22 -3.54 -16.81 -18.23
C THR A 22 -2.78 -16.32 -17.00
N GLY A 23 -1.71 -17.04 -16.70
CA GLY A 23 -0.82 -16.70 -15.61
C GLY A 23 0.63 -16.77 -16.07
N ALA A 24 1.55 -16.75 -15.11
CA ALA A 24 2.96 -16.56 -15.40
C ALA A 24 3.55 -17.66 -16.28
N GLY A 25 2.93 -18.85 -16.26
CA GLY A 25 3.46 -19.98 -16.99
C GLY A 25 3.45 -19.80 -18.50
N ILE A 26 2.57 -18.96 -19.01
CA ILE A 26 2.52 -18.79 -20.46
C ILE A 26 3.65 -17.88 -20.95
N SER A 27 4.29 -17.19 -20.03
CA SER A 27 5.39 -16.30 -20.41
C SER A 27 6.75 -16.82 -19.97
N ALA A 28 6.77 -17.96 -19.30
CA ALA A 28 8.01 -18.58 -18.83
C ALA A 28 8.99 -18.83 -19.99
N GLU A 29 8.49 -19.42 -21.06
CA GLU A 29 9.32 -19.77 -22.21
C GLU A 29 9.72 -18.55 -23.03
N SER A 30 9.18 -17.40 -22.67
CA SER A 30 9.53 -16.14 -23.31
C SER A 30 10.65 -15.42 -22.57
N GLY A 31 11.16 -16.04 -21.51
CA GLY A 31 12.26 -15.49 -20.76
C GLY A 31 11.85 -14.73 -19.52
N ILE A 32 10.57 -14.79 -19.16
CA ILE A 32 10.12 -14.16 -17.92
C ILE A 32 9.93 -15.24 -16.87
N ARG A 33 10.89 -15.31 -15.94
CA ARG A 33 10.91 -16.35 -14.94
C ARG A 33 9.72 -16.31 -13.99
N THR A 34 9.32 -17.50 -13.55
CA THR A 34 8.15 -17.69 -12.70
C THR A 34 8.49 -17.76 -11.21
N PHE A 35 7.45 -17.61 -10.39
CA PHE A 35 7.53 -17.82 -8.94
C PHE A 35 8.03 -19.22 -8.61
N ARG A 36 9.16 -19.32 -7.92
CA ARG A 36 9.60 -20.66 -7.55
C ARG A 36 8.69 -21.07 -6.41
N ALA A 37 7.95 -22.16 -6.62
CA ALA A 37 6.94 -22.59 -5.64
C ALA A 37 7.58 -23.07 -4.34
N ALA A 38 8.81 -23.56 -4.44
CA ALA A 38 9.54 -24.12 -3.30
C ALA A 38 9.67 -23.10 -2.13
N ASP A 39 10.05 -21.84 -2.40
CA ASP A 39 9.93 -20.79 -1.38
C ASP A 39 8.68 -19.96 -1.55
N GLY A 40 8.84 -18.71 -1.14
CA GLY A 40 7.84 -17.70 -1.19
C GLY A 40 8.57 -16.54 -1.83
N LEU A 41 9.55 -16.88 -2.68
CA LEU A 41 10.41 -15.84 -3.26
C LEU A 41 10.17 -15.60 -4.74
N TRP A 42 10.16 -14.32 -5.07
CA TRP A 42 10.08 -13.81 -6.43
C TRP A 42 11.33 -12.99 -6.77
N GLU A 43 12.15 -13.47 -7.70
CA GLU A 43 13.42 -12.83 -8.04
C GLU A 43 14.25 -12.64 -6.77
N GLU A 44 14.33 -13.70 -5.97
CA GLU A 44 15.08 -13.72 -4.72
C GLU A 44 14.57 -12.71 -3.68
N HIS A 45 13.34 -12.23 -3.87
CA HIS A 45 12.70 -11.31 -2.93
C HIS A 45 11.51 -11.98 -2.27
N ARG A 46 11.28 -11.69 -0.99
CA ARG A 46 10.07 -12.16 -0.32
C ARG A 46 8.88 -11.36 -0.81
N VAL A 47 7.76 -12.05 -1.06
CA VAL A 47 6.55 -11.41 -1.55
C VAL A 47 6.09 -10.30 -0.62
N GLU A 48 6.24 -10.50 0.68
CA GLU A 48 5.77 -9.53 1.65
C GLU A 48 6.49 -8.19 1.46
N ASP A 49 7.74 -8.24 0.99
CA ASP A 49 8.55 -7.05 0.85
C ASP A 49 8.34 -6.29 -0.48
N VAL A 50 8.00 -7.01 -1.54
CA VAL A 50 7.88 -6.36 -2.84
C VAL A 50 6.49 -6.50 -3.47
N GLY A 51 5.60 -7.21 -2.80
CA GLY A 51 4.28 -7.49 -3.35
C GLY A 51 3.10 -7.19 -2.44
N THR A 52 3.30 -6.28 -1.49
CA THR A 52 2.22 -5.84 -0.59
C THR A 52 2.27 -4.33 -0.46
N PRO A 53 1.12 -3.70 -0.12
CA PRO A 53 1.11 -2.25 0.06
C PRO A 53 2.02 -1.86 1.23
N GLU A 54 2.08 -2.74 2.20
CA GLU A 54 2.87 -2.52 3.40
C GLU A 54 4.36 -2.51 3.09
N GLY A 55 4.78 -3.41 2.21
CA GLY A 55 6.17 -3.47 1.78
C GLY A 55 6.56 -2.16 1.10
N PHE A 56 5.63 -1.62 0.31
CA PHE A 56 5.85 -0.37 -0.40
C PHE A 56 5.98 0.82 0.55
N ASP A 57 5.14 0.85 1.59
CA ASP A 57 5.20 1.93 2.58
C ASP A 57 6.50 1.85 3.38
N ARG A 58 6.95 0.63 3.62
CA ARG A 58 8.11 0.37 4.47
C ARG A 58 9.44 0.71 3.81
N ASP A 59 9.54 0.44 2.51
CA ASP A 59 10.76 0.72 1.75
C ASP A 59 10.42 1.03 0.30
N PRO A 60 9.87 2.23 0.04
CA PRO A 60 9.41 2.62 -1.30
C PRO A 60 10.51 2.54 -2.35
N GLU A 61 11.74 2.91 -1.99
CA GLU A 61 12.79 2.96 -2.99
C GLU A 61 13.30 1.57 -3.38
N LEU A 62 13.25 0.60 -2.46
CA LEU A 62 13.59 -0.76 -2.86
C LEU A 62 12.53 -1.30 -3.79
N VAL A 63 11.27 -1.12 -3.41
CA VAL A 63 10.15 -1.64 -4.21
C VAL A 63 10.12 -0.97 -5.58
N GLN A 64 10.32 0.35 -5.62
CA GLN A 64 10.39 1.06 -6.90
C GLN A 64 11.54 0.53 -7.74
N ALA A 65 12.67 0.22 -7.09
CA ALA A 65 13.82 -0.34 -7.80
C ALA A 65 13.52 -1.74 -8.32
N PHE A 66 12.77 -2.52 -7.54
CA PHE A 66 12.41 -3.87 -7.93
C PHE A 66 11.60 -3.87 -9.21
N TYR A 67 10.55 -3.04 -9.24
CA TYR A 67 9.69 -2.98 -10.42
C TYR A 67 10.35 -2.24 -11.58
N ASN A 68 11.21 -1.26 -11.28
CA ASN A 68 12.02 -0.65 -12.32
C ASN A 68 12.82 -1.73 -13.03
N ALA A 69 13.35 -2.66 -12.24
CA ALA A 69 14.11 -3.76 -12.81
C ALA A 69 13.21 -4.64 -13.66
N ARG A 70 12.03 -4.99 -13.15
CA ARG A 70 11.12 -5.86 -13.90
C ARG A 70 10.68 -5.20 -15.20
N ARG A 71 10.43 -3.90 -15.13
CA ARG A 71 9.98 -3.14 -16.31
C ARG A 71 11.06 -3.11 -17.40
N ARG A 72 12.33 -3.01 -16.99
CA ARG A 72 13.41 -2.96 -17.98
C ARG A 72 13.63 -4.33 -18.63
N GLN A 73 13.71 -5.38 -17.81
CA GLN A 73 13.86 -6.76 -18.28
C GLN A 73 12.76 -7.15 -19.26
N LEU A 74 11.57 -6.58 -19.08
CA LEU A 74 10.44 -6.84 -19.95
C LEU A 74 10.71 -6.38 -21.37
N GLN A 75 11.46 -5.29 -21.49
CA GLN A 75 11.67 -4.64 -22.78
C GLN A 75 13.01 -4.99 -23.42
N GLN A 76 13.65 -6.06 -22.94
CA GLN A 76 14.88 -6.54 -23.55
C GLN A 76 14.56 -7.27 -24.85
N PRO A 77 15.50 -7.21 -25.82
CA PRO A 77 15.27 -7.82 -27.13
C PRO A 77 15.03 -9.32 -27.08
N GLU A 78 15.66 -10.03 -26.14
CA GLU A 78 15.53 -11.48 -26.08
C GLU A 78 14.19 -11.92 -25.50
N ILE A 79 13.37 -10.96 -25.09
CA ILE A 79 12.04 -11.26 -24.57
C ILE A 79 11.00 -11.07 -25.67
N GLN A 80 10.36 -12.16 -26.06
CA GLN A 80 9.38 -12.14 -27.13
C GLN A 80 8.20 -13.06 -26.88
N PRO A 81 7.04 -12.77 -27.50
CA PRO A 81 5.94 -13.72 -27.43
C PRO A 81 6.35 -15.09 -27.93
N ASN A 82 5.85 -16.15 -27.31
CA ASN A 82 6.14 -17.49 -27.80
C ASN A 82 4.91 -18.04 -28.51
N ALA A 83 5.00 -19.30 -28.93
CA ALA A 83 3.95 -19.93 -29.74
C ALA A 83 2.58 -19.91 -29.04
N ALA A 84 2.60 -19.98 -27.71
CA ALA A 84 1.35 -19.96 -26.94
C ALA A 84 0.67 -18.60 -27.02
N HIS A 85 1.44 -17.52 -26.92
CA HIS A 85 0.87 -16.19 -27.03
C HIS A 85 0.25 -16.04 -28.42
N LEU A 86 0.97 -16.51 -29.44
CA LEU A 86 0.51 -16.32 -30.81
C LEU A 86 -0.80 -17.06 -31.07
N ALA A 87 -0.90 -18.29 -30.58
CA ALA A 87 -2.11 -19.08 -30.75
C ALA A 87 -3.34 -18.39 -30.15
N LEU A 88 -3.17 -17.72 -29.02
CA LEU A 88 -4.29 -16.99 -28.43
C LEU A 88 -4.71 -15.78 -29.28
N ALA A 89 -3.76 -15.22 -30.02
CA ALA A 89 -4.09 -14.12 -30.92
C ALA A 89 -4.90 -14.64 -32.10
N LYS A 90 -4.53 -15.84 -32.57
CA LYS A 90 -5.27 -16.50 -33.65
C LYS A 90 -6.67 -16.88 -33.18
N LEU A 91 -6.79 -17.27 -31.91
CA LEU A 91 -8.08 -17.64 -31.37
C LEU A 91 -9.02 -16.44 -31.30
N GLN A 92 -8.48 -15.28 -30.93
CA GLN A 92 -9.30 -14.09 -30.89
C GLN A 92 -9.74 -13.68 -32.29
N ASP A 93 -8.82 -13.81 -33.25
CA ASP A 93 -9.13 -13.51 -34.65
C ASP A 93 -10.34 -14.29 -35.14
N ALA A 94 -10.44 -15.55 -34.70
CA ALA A 94 -11.49 -16.45 -35.17
C ALA A 94 -12.82 -16.27 -34.45
N LEU A 95 -12.80 -15.78 -33.22
CA LEU A 95 -14.03 -15.72 -32.40
C LEU A 95 -14.61 -14.33 -32.25
N GLY A 96 -13.82 -13.29 -32.50
CA GLY A 96 -14.30 -11.93 -32.35
C GLY A 96 -14.73 -11.59 -30.94
N ASP A 97 -15.94 -11.04 -30.79
CA ASP A 97 -16.39 -10.57 -29.48
C ASP A 97 -16.90 -11.72 -28.61
N ARG A 98 -16.83 -12.94 -29.12
CA ARG A 98 -17.17 -14.10 -28.31
C ARG A 98 -15.95 -14.63 -27.58
N PHE A 99 -14.86 -13.89 -27.69
CA PHE A 99 -13.61 -14.25 -27.02
C PHE A 99 -13.24 -13.16 -26.02
N LEU A 100 -12.81 -13.57 -24.83
CA LEU A 100 -12.25 -12.62 -23.87
C LEU A 100 -11.00 -13.22 -23.24
N LEU A 101 -9.94 -12.43 -23.19
CA LEU A 101 -8.69 -12.87 -22.57
C LEU A 101 -8.46 -12.08 -21.31
N VAL A 102 -8.34 -12.79 -20.19
CA VAL A 102 -8.02 -12.21 -18.89
C VAL A 102 -6.64 -12.72 -18.48
N THR A 103 -5.73 -11.81 -18.13
CA THR A 103 -4.41 -12.27 -17.68
C THR A 103 -4.08 -11.75 -16.29
N GLN A 104 -3.37 -12.59 -15.53
CA GLN A 104 -2.79 -12.17 -14.25
C GLN A 104 -1.42 -11.58 -14.48
N ASN A 105 -0.91 -11.71 -15.70
CA ASN A 105 0.43 -11.22 -16.00
C ASN A 105 0.49 -9.71 -16.15
N CYS A 106 1.61 -9.12 -15.73
CA CYS A 106 1.81 -7.69 -15.90
CA CYS A 106 1.82 -7.69 -15.89
C CYS A 106 2.63 -7.40 -17.16
N ASP A 107 3.04 -8.45 -17.86
CA ASP A 107 3.80 -8.26 -19.09
C ASP A 107 2.87 -7.81 -20.21
N ASN A 108 3.44 -7.46 -21.35
CA ASN A 108 2.63 -7.03 -22.49
C ASN A 108 2.73 -8.00 -23.66
N LEU A 109 3.03 -9.26 -23.38
CA LEU A 109 3.30 -10.22 -24.44
C LEU A 109 2.02 -10.64 -25.19
N HIS A 110 0.88 -10.54 -24.52
CA HIS A 110 -0.39 -10.85 -25.20
C HIS A 110 -0.65 -9.77 -26.25
N GLU A 111 -0.35 -8.54 -25.88
CA GLU A 111 -0.54 -7.41 -26.76
C GLU A 111 0.44 -7.45 -27.93
N ARG A 112 1.69 -7.81 -27.65
CA ARG A 112 2.70 -7.92 -28.71
C ARG A 112 2.39 -9.08 -29.67
N ALA A 113 1.67 -10.08 -29.17
CA ALA A 113 1.29 -11.23 -29.97
C ALA A 113 0.15 -10.88 -30.92
N GLY A 114 -0.64 -9.88 -30.54
CA GLY A 114 -1.73 -9.43 -31.39
C GLY A 114 -3.09 -9.42 -30.75
N ASN A 115 -3.19 -9.90 -29.51
CA ASN A 115 -4.46 -9.83 -28.80
C ASN A 115 -4.84 -8.39 -28.47
N THR A 116 -6.13 -8.10 -28.44
CA THR A 116 -6.60 -6.79 -28.03
C THR A 116 -7.66 -6.92 -26.94
N ASN A 117 -7.92 -5.81 -26.24
CA ASN A 117 -8.87 -5.76 -25.13
C ASN A 117 -8.50 -6.79 -24.07
N VAL A 118 -7.20 -6.94 -23.82
CA VAL A 118 -6.72 -7.84 -22.78
C VAL A 118 -7.03 -7.25 -21.42
N ILE A 119 -7.70 -8.02 -20.56
CA ILE A 119 -7.98 -7.56 -19.22
C ILE A 119 -6.85 -7.97 -18.29
N HIS A 120 -6.12 -6.99 -17.79
CA HIS A 120 -5.03 -7.23 -16.85
C HIS A 120 -5.56 -7.12 -15.42
N MET A 121 -6.06 -8.22 -14.89
CA MET A 121 -6.72 -8.16 -13.59
C MET A 121 -5.74 -7.86 -12.46
N HIS A 122 -4.44 -8.08 -12.69
CA HIS A 122 -3.41 -7.73 -11.70
C HIS A 122 -2.54 -6.56 -12.15
N GLY A 123 -2.98 -5.83 -13.16
CA GLY A 123 -2.26 -4.62 -13.58
C GLY A 123 -1.21 -4.84 -14.64
N GLU A 124 -0.43 -3.80 -14.91
CA GLU A 124 0.54 -3.82 -16.01
C GLU A 124 1.86 -3.16 -15.62
N LEU A 125 2.95 -3.81 -15.98
CA LEU A 125 4.29 -3.32 -15.68
C LEU A 125 4.62 -2.03 -16.43
N LEU A 126 4.00 -1.86 -17.60
CA LEU A 126 4.25 -0.67 -18.42
C LEU A 126 3.26 0.45 -18.11
N LYS A 127 2.74 0.43 -16.89
CA LYS A 127 1.90 1.51 -16.40
C LYS A 127 2.26 1.82 -14.96
N VAL A 128 2.10 3.08 -14.58
CA VAL A 128 2.27 3.50 -13.20
C VAL A 128 1.02 4.20 -12.74
N ARG A 129 0.91 4.43 -11.44
CA ARG A 129 -0.30 5.04 -10.92
C ARG A 129 0.00 6.20 -10.01
N CYS A 130 -0.63 7.32 -10.31
CA CYS A 130 -0.57 8.47 -9.43
C CYS A 130 -1.50 8.11 -8.29
N SER A 131 -0.96 7.75 -7.13
CA SER A 131 -1.81 7.14 -6.10
C SER A 131 -2.88 8.04 -5.45
N GLN A 132 -2.77 9.37 -5.61
CA GLN A 132 -3.84 10.22 -5.07
C GLN A 132 -4.90 10.19 -6.15
N SER A 133 -4.42 10.02 -7.37
CA SER A 133 -5.26 9.81 -8.53
C SER A 133 -5.75 8.36 -8.49
N GLY A 134 -6.67 7.98 -9.36
CA GLY A 134 -7.00 6.59 -9.50
C GLY A 134 -6.52 6.21 -10.89
N GLN A 135 -6.11 7.25 -11.61
CA GLN A 135 -5.67 7.19 -12.99
C GLN A 135 -4.35 6.46 -13.18
N ALA A 136 -4.34 5.53 -14.13
CA ALA A 136 -3.12 4.84 -14.51
C ALA A 136 -2.49 5.58 -15.68
N LEU A 137 -1.17 5.67 -15.69
CA LEU A 137 -0.48 6.39 -16.76
C LEU A 137 0.52 5.47 -17.45
N ASP A 138 0.65 5.59 -18.76
CA ASP A 138 1.64 4.81 -19.51
C ASP A 138 3.04 5.21 -19.06
N TRP A 139 3.93 4.22 -18.97
CA TRP A 139 5.26 4.45 -18.41
C TRP A 139 6.19 3.30 -18.75
N THR A 140 7.26 3.59 -19.48
CA THR A 140 8.16 2.55 -19.97
C THR A 140 9.53 2.61 -19.32
N GLY A 141 9.85 3.74 -18.68
CA GLY A 141 11.15 3.93 -18.09
C GLY A 141 11.16 3.73 -16.58
N ASP A 142 12.28 4.06 -15.96
CA ASP A 142 12.41 3.98 -14.51
C ASP A 142 11.46 4.95 -13.80
N VAL A 143 11.16 4.67 -12.55
CA VAL A 143 10.42 5.59 -11.70
C VAL A 143 11.36 6.15 -10.64
N THR A 144 11.63 7.46 -10.71
CA THR A 144 12.49 8.10 -9.72
C THR A 144 11.67 9.04 -8.84
N PRO A 145 12.28 9.57 -7.76
CA PRO A 145 11.59 10.58 -6.96
C PRO A 145 11.35 11.87 -7.75
N PRO A 157 3.77 10.82 -4.93
CA PRO A 157 4.53 9.57 -5.07
C PRO A 157 3.87 8.56 -6.01
N LEU A 158 4.53 8.28 -7.12
CA LEU A 158 4.01 7.32 -8.10
C LEU A 158 4.27 5.89 -7.66
N ARG A 159 3.38 4.98 -8.03
CA ARG A 159 3.58 3.56 -7.76
C ARG A 159 3.34 2.73 -9.01
N PRO A 160 3.90 1.52 -9.06
CA PRO A 160 3.58 0.60 -10.17
C PRO A 160 2.08 0.35 -10.24
N HIS A 161 1.54 0.30 -11.46
CA HIS A 161 0.14 -0.04 -11.66
C HIS A 161 -0.01 -1.54 -11.58
N VAL A 162 0.19 -2.07 -10.39
CA VAL A 162 0.29 -3.50 -10.16
C VAL A 162 -0.57 -3.82 -8.94
N VAL A 163 -1.39 -4.86 -9.03
CA VAL A 163 -2.25 -5.21 -7.90
C VAL A 163 -1.47 -6.02 -6.88
N TRP A 164 -1.31 -5.49 -5.68
CA TRP A 164 -0.58 -6.20 -4.64
C TRP A 164 -1.54 -7.02 -3.80
N PHE A 165 -0.99 -7.97 -3.04
CA PHE A 165 -1.80 -8.78 -2.14
C PHE A 165 -2.54 -7.87 -1.16
N GLY A 166 -3.83 -8.15 -0.95
CA GLY A 166 -4.68 -7.31 -0.14
C GLY A 166 -5.41 -6.23 -0.92
N GLU A 167 -5.03 -6.02 -2.17
CA GLU A 167 -5.70 -5.02 -3.02
C GLU A 167 -6.69 -5.71 -3.96
N MET A 168 -7.68 -4.96 -4.43
CA MET A 168 -8.71 -5.51 -5.30
C MET A 168 -8.22 -5.65 -6.74
N PRO A 169 -8.40 -6.84 -7.33
CA PRO A 169 -8.03 -7.02 -8.74
C PRO A 169 -8.85 -6.11 -9.64
N LEU A 170 -8.36 -5.90 -10.85
CA LEU A 170 -8.99 -4.98 -11.79
C LEU A 170 -9.93 -5.69 -12.75
N GLY A 171 -10.98 -4.99 -13.17
CA GLY A 171 -11.89 -5.49 -14.18
C GLY A 171 -12.78 -6.65 -13.76
N MET A 172 -12.98 -6.83 -12.46
CA MET A 172 -13.70 -8.01 -11.98
C MET A 172 -15.15 -8.07 -12.45
N ASP A 173 -15.79 -6.90 -12.62
CA ASP A 173 -17.17 -6.90 -13.06
C ASP A 173 -17.31 -7.52 -14.45
N GLU A 174 -16.46 -7.10 -15.37
CA GLU A 174 -16.50 -7.62 -16.73
C GLU A 174 -16.07 -9.09 -16.74
N ILE A 175 -15.15 -9.45 -15.86
CA ILE A 175 -14.68 -10.83 -15.82
C ILE A 175 -15.77 -11.78 -15.36
N TYR A 176 -16.43 -11.44 -14.26
CA TYR A 176 -17.48 -12.31 -13.72
C TYR A 176 -18.67 -12.39 -14.67
N MET A 177 -18.92 -11.32 -15.42
CA MET A 177 -20.00 -11.39 -16.41
C MET A 177 -19.62 -12.38 -17.49
N ALA A 178 -18.38 -12.33 -17.94
CA ALA A 178 -17.91 -13.25 -18.96
C ALA A 178 -17.89 -14.70 -18.46
N LEU A 179 -17.54 -14.89 -17.19
CA LEU A 179 -17.56 -16.22 -16.60
C LEU A 179 -18.96 -16.82 -16.60
N SER A 180 -19.98 -16.01 -16.39
CA SER A 180 -21.33 -16.54 -16.34
C SER A 180 -21.84 -16.85 -17.75
N MET A 181 -21.21 -16.26 -18.76
CA MET A 181 -21.65 -16.41 -20.15
C MET A 181 -20.83 -17.41 -20.96
N ALA A 182 -19.69 -17.83 -20.42
CA ALA A 182 -18.75 -18.65 -21.20
C ALA A 182 -19.29 -20.05 -21.50
N ASP A 183 -19.05 -20.51 -22.74
CA ASP A 183 -19.31 -21.90 -23.08
C ASP A 183 -18.07 -22.73 -22.76
N ILE A 184 -16.89 -22.11 -22.90
CA ILE A 184 -15.62 -22.76 -22.60
C ILE A 184 -14.74 -21.81 -21.79
N PHE A 185 -14.22 -22.31 -20.67
CA PHE A 185 -13.28 -21.55 -19.86
C PHE A 185 -11.95 -22.28 -19.88
N ILE A 186 -10.88 -21.58 -20.25
CA ILE A 186 -9.54 -22.18 -20.35
C ILE A 186 -8.55 -21.45 -19.45
N ALA A 187 -7.93 -22.18 -18.52
CA ALA A 187 -6.90 -21.60 -17.67
C ALA A 187 -5.52 -22.09 -18.08
N ILE A 188 -4.62 -21.14 -18.35
CA ILE A 188 -3.32 -21.45 -18.94
C ILE A 188 -2.17 -20.90 -18.12
N GLY A 189 -1.27 -21.78 -17.70
CA GLY A 189 -0.05 -21.29 -17.06
C GLY A 189 -0.26 -20.67 -15.69
N THR A 190 -1.23 -21.18 -14.94
CA THR A 190 -1.51 -20.60 -13.63
C THR A 190 -1.69 -21.71 -12.57
N SER A 191 -1.13 -21.47 -11.39
CA SER A 191 -0.90 -22.56 -10.42
C SER A 191 -2.08 -22.81 -9.47
N GLY A 192 -3.04 -21.89 -9.46
CA GLY A 192 -4.21 -22.07 -8.61
C GLY A 192 -3.98 -21.74 -7.15
N HIS A 193 -2.94 -20.95 -6.87
CA HIS A 193 -2.66 -20.50 -5.50
C HIS A 193 -3.32 -19.17 -5.15
N VAL A 194 -3.50 -18.32 -6.15
CA VAL A 194 -3.89 -16.95 -5.87
C VAL A 194 -5.35 -16.70 -6.25
N TYR A 195 -6.12 -16.28 -5.26
CA TYR A 195 -7.52 -15.96 -5.45
C TYR A 195 -7.66 -14.44 -5.66
N PRO A 196 -8.76 -14.00 -6.29
CA PRO A 196 -9.91 -14.78 -6.78
C PRO A 196 -9.68 -15.54 -8.09
N ALA A 197 -8.58 -15.31 -8.79
CA ALA A 197 -8.38 -15.95 -10.10
C ALA A 197 -8.50 -17.47 -10.00
N ALA A 198 -7.91 -18.06 -8.95
CA ALA A 198 -7.97 -19.51 -8.75
C ALA A 198 -9.40 -20.02 -8.60
N GLY A 199 -10.34 -19.13 -8.30
CA GLY A 199 -11.72 -19.53 -8.14
C GLY A 199 -12.55 -19.41 -9.41
N PHE A 200 -11.95 -18.89 -10.47
CA PHE A 200 -12.69 -18.70 -11.72
C PHE A 200 -13.20 -20.01 -12.29
N VAL A 201 -12.43 -21.08 -12.18
CA VAL A 201 -12.86 -22.36 -12.76
C VAL A 201 -14.15 -22.83 -12.10
N HIS A 202 -14.27 -22.65 -10.79
CA HIS A 202 -15.49 -23.05 -10.10
C HIS A 202 -16.68 -22.22 -10.56
N GLU A 203 -16.48 -20.92 -10.69
CA GLU A 203 -17.55 -20.02 -11.12
C GLU A 203 -18.03 -20.36 -12.52
N ALA A 204 -17.08 -20.66 -13.39
CA ALA A 204 -17.40 -21.04 -14.77
C ALA A 204 -18.24 -22.30 -14.79
N LYS A 205 -17.83 -23.31 -14.02
CA LYS A 205 -18.58 -24.56 -13.92
C LYS A 205 -20.01 -24.37 -13.41
N LEU A 206 -20.19 -23.45 -12.47
CA LEU A 206 -21.52 -23.17 -11.92
C LEU A 206 -22.49 -22.67 -12.98
N HIS A 207 -21.98 -21.94 -13.96
CA HIS A 207 -22.83 -21.41 -15.02
C HIS A 207 -22.77 -22.29 -16.28
N GLY A 208 -22.27 -23.50 -16.12
CA GLY A 208 -22.36 -24.52 -17.15
C GLY A 208 -21.24 -24.63 -18.16
N ALA A 209 -20.18 -23.84 -17.98
CA ALA A 209 -19.08 -23.84 -18.94
C ALA A 209 -18.30 -25.15 -18.91
N HIS A 210 -17.80 -25.55 -20.07
CA HIS A 210 -16.80 -26.60 -20.15
C HIS A 210 -15.47 -25.98 -19.74
N THR A 211 -14.72 -26.66 -18.88
CA THR A 211 -13.50 -26.09 -18.31
C THR A 211 -12.26 -26.86 -18.72
N VAL A 212 -11.20 -26.11 -19.06
CA VAL A 212 -9.96 -26.72 -19.56
C VAL A 212 -8.74 -26.12 -18.87
N GLU A 213 -7.87 -26.99 -18.34
CA GLU A 213 -6.62 -26.55 -17.77
C GLU A 213 -5.46 -26.94 -18.68
N LEU A 214 -4.67 -25.95 -19.06
CA LEU A 214 -3.46 -26.16 -19.86
C LEU A 214 -2.27 -25.63 -19.07
N ASN A 215 -1.34 -26.51 -18.69
CA ASN A 215 -0.30 -26.11 -17.76
C ASN A 215 0.91 -27.02 -17.87
N LEU A 216 2.06 -26.55 -17.39
CA LEU A 216 3.25 -27.42 -17.30
C LEU A 216 3.00 -28.60 -16.38
N GLU A 217 2.27 -28.35 -15.28
CA GLU A 217 1.97 -29.37 -14.30
C GLU A 217 0.59 -29.13 -13.68
N PRO A 218 -0.03 -30.17 -13.10
CA PRO A 218 -1.35 -30.00 -12.48
C PRO A 218 -1.36 -28.89 -11.43
N SER A 219 -2.32 -27.99 -11.51
CA SER A 219 -2.40 -26.86 -10.60
C SER A 219 -3.06 -27.29 -9.29
N GLN A 220 -3.11 -26.35 -8.36
CA GLN A 220 -3.74 -26.58 -7.07
C GLN A 220 -5.25 -26.79 -7.21
N VAL A 221 -5.82 -26.35 -8.32
CA VAL A 221 -7.26 -26.51 -8.55
C VAL A 221 -7.56 -27.37 -9.79
N GLY A 222 -6.57 -28.13 -10.24
CA GLY A 222 -6.70 -28.89 -11.47
C GLY A 222 -7.85 -29.88 -11.44
N ASN A 223 -8.18 -30.38 -10.25
CA ASN A 223 -9.26 -31.35 -10.11
C ASN A 223 -10.64 -30.77 -10.45
N GLU A 224 -10.75 -29.44 -10.48
CA GLU A 224 -12.01 -28.79 -10.82
C GLU A 224 -12.30 -28.78 -12.31
N PHE A 225 -11.26 -28.97 -13.12
CA PHE A 225 -11.40 -28.88 -14.57
C PHE A 225 -11.88 -30.18 -15.21
N ALA A 226 -12.76 -30.05 -16.19
CA ALA A 226 -13.30 -31.19 -16.90
C ALA A 226 -12.28 -31.78 -17.87
N GLU A 227 -11.47 -30.92 -18.47
CA GLU A 227 -10.48 -31.34 -19.48
C GLU A 227 -9.12 -30.75 -19.14
N LYS A 228 -8.04 -31.47 -19.43
CA LYS A 228 -6.72 -30.99 -19.03
C LYS A 228 -5.60 -31.58 -19.87
N TYR A 229 -4.58 -30.78 -20.14
CA TYR A 229 -3.40 -31.25 -20.88
C TYR A 229 -2.16 -30.61 -20.29
N TYR A 230 -1.11 -31.41 -20.11
CA TYR A 230 0.08 -30.91 -19.43
C TYR A 230 1.31 -31.01 -20.31
N GLY A 231 2.17 -30.01 -20.18
CA GLY A 231 3.36 -29.87 -21.00
C GLY A 231 3.65 -28.39 -21.10
N PRO A 232 4.76 -28.04 -21.77
CA PRO A 232 5.11 -26.63 -21.94
C PRO A 232 4.06 -25.90 -22.78
N ALA A 233 3.72 -24.68 -22.37
CA ALA A 233 2.68 -23.90 -23.05
C ALA A 233 2.94 -23.76 -24.54
N SER A 234 4.21 -23.58 -24.91
CA SER A 234 4.58 -23.39 -26.32
C SER A 234 4.12 -24.55 -27.20
N GLN A 235 3.97 -25.74 -26.59
CA GLN A 235 3.48 -26.90 -27.32
C GLN A 235 2.00 -27.15 -27.05
N VAL A 236 1.60 -27.13 -25.79
CA VAL A 236 0.25 -27.51 -25.40
C VAL A 236 -0.83 -26.54 -25.88
N VAL A 237 -0.53 -25.25 -25.85
CA VAL A 237 -1.57 -24.25 -26.16
C VAL A 237 -1.85 -24.20 -27.67
N PRO A 238 -0.80 -24.11 -28.52
CA PRO A 238 -1.15 -24.15 -29.94
C PRO A 238 -1.86 -25.46 -30.32
N GLU A 239 -1.47 -26.56 -29.69
CA GLU A 239 -2.14 -27.83 -29.93
C GLU A 239 -3.61 -27.77 -29.57
N PHE A 240 -3.94 -27.25 -28.39
CA PHE A 240 -5.35 -27.18 -28.00
C PHE A 240 -6.13 -26.20 -28.88
N VAL A 241 -5.53 -25.04 -29.14
CA VAL A 241 -6.18 -24.00 -29.93
C VAL A 241 -6.47 -24.51 -31.34
N GLU A 242 -5.54 -25.27 -31.90
CA GLU A 242 -5.69 -25.75 -33.25
C GLU A 242 -6.84 -26.74 -33.37
N LYS A 243 -7.00 -27.58 -32.35
CA LYS A 243 -8.05 -28.58 -32.34
C LYS A 243 -9.39 -27.96 -31.96
N LEU A 244 -9.36 -26.83 -31.27
CA LEU A 244 -10.57 -26.05 -31.02
C LEU A 244 -11.05 -25.40 -32.32
N LEU A 245 -10.15 -24.71 -33.01
CA LEU A 245 -10.48 -24.03 -34.26
C LEU A 245 -10.96 -24.97 -35.36
N LYS A 246 -10.37 -26.16 -35.44
CA LYS A 246 -10.77 -27.11 -36.48
C LYS A 246 -12.13 -27.72 -36.18
N GLY A 247 -12.46 -27.82 -34.89
CA GLY A 247 -13.75 -28.33 -34.46
C GLY A 247 -14.89 -27.37 -34.79
N LEU A 248 -14.55 -26.10 -34.97
CA LEU A 248 -15.54 -25.11 -35.36
C LEU A 248 -16.09 -25.41 -36.76
N LYS A 249 -15.23 -25.33 -37.76
CA LYS A 249 -15.61 -25.63 -39.14
C LYS A 249 -15.77 -27.12 -39.37
N PRO B 14 -12.44 21.70 26.59
CA PRO B 14 -12.00 21.16 25.30
C PRO B 14 -11.37 19.77 25.44
N LYS B 15 -12.19 18.78 25.80
CA LYS B 15 -11.72 17.42 26.01
C LYS B 15 -11.11 16.83 24.74
N PRO B 16 -10.08 15.99 24.90
CA PRO B 16 -9.47 15.36 23.72
C PRO B 16 -10.42 14.39 23.03
N ARG B 17 -10.31 14.30 21.71
CA ARG B 17 -10.98 13.24 20.99
C ARG B 17 -10.13 11.98 21.12
N VAL B 18 -10.73 10.91 21.61
CA VAL B 18 -9.99 9.67 21.86
C VAL B 18 -10.54 8.52 21.03
N LEU B 19 -9.66 7.86 20.29
CA LEU B 19 -10.06 6.68 19.53
C LEU B 19 -9.33 5.49 20.09
N VAL B 20 -10.07 4.46 20.46
CA VAL B 20 -9.45 3.24 21.01
C VAL B 20 -9.64 2.06 20.06
N LEU B 21 -8.54 1.37 19.76
CA LEU B 21 -8.57 0.13 19.01
C LEU B 21 -8.27 -1.02 19.96
N THR B 22 -9.12 -2.04 19.97
CA THR B 22 -8.83 -3.22 20.76
C THR B 22 -8.72 -4.49 19.93
N GLY B 23 -7.95 -5.44 20.45
CA GLY B 23 -7.78 -6.74 19.83
C GLY B 23 -7.95 -7.84 20.87
N ALA B 24 -7.56 -9.06 20.51
CA ALA B 24 -7.89 -10.25 21.27
C ALA B 24 -7.32 -10.22 22.68
N GLY B 25 -6.25 -9.45 22.88
CA GLY B 25 -5.56 -9.43 24.16
C GLY B 25 -6.40 -8.87 25.29
N ILE B 26 -7.37 -8.02 24.97
CA ILE B 26 -8.15 -7.40 26.04
C ILE B 26 -9.19 -8.37 26.57
N SER B 27 -9.44 -9.45 25.83
CA SER B 27 -10.43 -10.44 26.26
C SER B 27 -9.80 -11.73 26.73
N ALA B 28 -8.47 -11.80 26.66
CA ALA B 28 -7.73 -12.99 27.08
C ALA B 28 -8.03 -13.36 28.53
N GLU B 29 -7.98 -12.38 29.43
CA GLU B 29 -8.18 -12.62 30.85
C GLU B 29 -9.64 -12.90 31.20
N SER B 30 -10.51 -12.75 30.21
CA SER B 30 -11.93 -13.04 30.38
C SER B 30 -12.26 -14.48 29.98
N GLY B 31 -11.24 -15.24 29.62
CA GLY B 31 -11.42 -16.64 29.27
C GLY B 31 -11.54 -16.91 27.78
N ILE B 32 -11.29 -15.89 26.96
CA ILE B 32 -11.29 -16.06 25.52
C ILE B 32 -9.85 -16.15 25.04
N ARG B 33 -9.43 -17.35 24.67
CA ARG B 33 -8.03 -17.59 24.31
C ARG B 33 -7.61 -16.79 23.10
N THR B 34 -6.36 -16.35 23.09
CA THR B 34 -5.88 -15.52 21.99
C THR B 34 -5.18 -16.35 20.94
N PHE B 35 -5.08 -15.79 19.73
N PHE B 35 -5.03 -15.77 19.75
CA PHE B 35 -4.30 -16.40 18.66
CA PHE B 35 -4.30 -16.41 18.67
C PHE B 35 -2.84 -16.43 19.10
C PHE B 35 -2.81 -16.45 18.98
N ARG B 36 -2.33 -17.61 19.44
CA ARG B 36 -0.91 -17.74 19.77
C ARG B 36 -0.05 -17.86 18.51
N ALA B 37 0.86 -16.91 18.35
CA ALA B 37 1.72 -16.78 17.18
C ALA B 37 2.74 -17.92 17.08
N ALA B 38 3.04 -18.54 18.22
CA ALA B 38 4.05 -19.59 18.31
C ALA B 38 3.84 -20.68 17.28
N ASP B 39 2.59 -21.10 17.11
CA ASP B 39 2.27 -22.11 16.10
C ASP B 39 1.77 -21.45 14.83
N GLY B 40 0.56 -20.90 14.89
CA GLY B 40 -0.08 -20.26 13.75
C GLY B 40 -1.47 -20.86 13.70
N LEU B 41 -1.91 -21.32 14.88
CA LEU B 41 -3.17 -22.02 15.02
C LEU B 41 -4.18 -21.25 15.87
N TRP B 42 -5.44 -21.30 15.47
CA TRP B 42 -6.52 -20.74 16.27
C TRP B 42 -7.43 -21.88 16.73
N GLU B 43 -7.42 -22.15 18.03
CA GLU B 43 -8.14 -23.29 18.59
C GLU B 43 -7.75 -24.58 17.87
N GLU B 44 -6.44 -24.75 17.68
CA GLU B 44 -5.86 -25.93 17.02
C GLU B 44 -6.28 -26.07 15.56
N HIS B 45 -6.77 -24.99 14.97
CA HIS B 45 -7.15 -24.97 13.56
C HIS B 45 -6.26 -24.04 12.74
N ARG B 46 -5.97 -24.41 11.51
CA ARG B 46 -5.26 -23.53 10.58
C ARG B 46 -6.15 -22.38 10.13
N VAL B 47 -5.58 -21.18 10.08
CA VAL B 47 -6.34 -19.99 9.67
C VAL B 47 -6.98 -20.19 8.31
N GLU B 48 -6.24 -20.83 7.42
CA GLU B 48 -6.68 -21.00 6.05
C GLU B 48 -7.98 -21.80 5.97
N ASP B 49 -8.17 -22.70 6.94
CA ASP B 49 -9.33 -23.59 6.91
C ASP B 49 -10.57 -22.99 7.57
N VAL B 50 -10.39 -22.14 8.57
CA VAL B 50 -11.56 -21.62 9.29
C VAL B 50 -11.67 -20.09 9.24
N GLY B 51 -10.70 -19.43 8.60
CA GLY B 51 -10.68 -17.98 8.57
C GLY B 51 -10.52 -17.35 7.19
N THR B 52 -10.92 -18.09 6.15
CA THR B 52 -10.88 -17.57 4.78
C THR B 52 -12.17 -17.94 4.06
N PRO B 53 -12.55 -17.17 3.02
CA PRO B 53 -13.74 -17.55 2.26
C PRO B 53 -13.55 -18.91 1.59
N GLU B 54 -12.31 -19.19 1.20
CA GLU B 54 -12.01 -20.44 0.52
C GLU B 54 -12.20 -21.63 1.44
N GLY B 55 -11.82 -21.47 2.70
CA GLY B 55 -12.02 -22.51 3.70
C GLY B 55 -13.49 -22.81 3.86
N PHE B 56 -14.31 -21.77 3.85
CA PHE B 56 -15.76 -21.92 4.00
C PHE B 56 -16.40 -22.64 2.81
N ASP B 57 -15.94 -22.32 1.60
CA ASP B 57 -16.47 -22.96 0.40
C ASP B 57 -16.09 -24.44 0.39
N ARG B 58 -14.89 -24.71 0.89
CA ARG B 58 -14.30 -26.05 0.86
C ARG B 58 -14.90 -27.03 1.85
N ASP B 59 -15.22 -26.54 3.04
CA ASP B 59 -15.80 -27.39 4.07
C ASP B 59 -16.70 -26.55 4.95
N PRO B 60 -17.86 -26.15 4.41
CA PRO B 60 -18.80 -25.28 5.10
C PRO B 60 -19.27 -25.81 6.45
N GLU B 61 -19.47 -27.12 6.57
CA GLU B 61 -20.02 -27.62 7.82
C GLU B 61 -18.97 -27.68 8.93
N LEU B 62 -17.70 -27.86 8.57
CA LEU B 62 -16.65 -27.77 9.59
C LEU B 62 -16.53 -26.35 10.08
N VAL B 63 -16.47 -25.41 9.14
CA VAL B 63 -16.33 -24.00 9.49
C VAL B 63 -17.53 -23.53 10.29
N GLN B 64 -18.73 -23.95 9.87
CA GLN B 64 -19.94 -23.62 10.61
C GLN B 64 -19.88 -24.20 12.01
N ALA B 65 -19.33 -25.40 12.13
CA ALA B 65 -19.16 -26.05 13.43
C ALA B 65 -18.16 -25.30 14.29
N PHE B 66 -17.10 -24.80 13.66
CA PHE B 66 -16.06 -24.07 14.37
C PHE B 66 -16.65 -22.81 15.03
N TYR B 67 -17.37 -22.02 14.24
CA TYR B 67 -17.95 -20.79 14.77
C TYR B 67 -19.14 -21.06 15.68
N ASN B 68 -19.88 -22.15 15.43
CA ASN B 68 -20.90 -22.58 16.38
C ASN B 68 -20.28 -22.80 17.75
N ALA B 69 -19.11 -23.42 17.76
CA ALA B 69 -18.39 -23.65 19.00
C ALA B 69 -17.95 -22.34 19.64
N ARG B 70 -17.38 -21.43 18.84
CA ARG B 70 -16.94 -20.14 19.39
C ARG B 70 -18.10 -19.35 19.96
N ARG B 71 -19.24 -19.41 19.27
CA ARG B 71 -20.43 -18.67 19.68
C ARG B 71 -20.96 -19.18 21.02
N ARG B 72 -20.88 -20.49 21.21
CA ARG B 72 -21.34 -21.11 22.45
C ARG B 72 -20.41 -20.77 23.62
N GLN B 73 -19.11 -20.94 23.41
CA GLN B 73 -18.09 -20.62 24.41
C GLN B 73 -18.20 -19.16 24.86
N LEU B 74 -18.62 -18.29 23.95
CA LEU B 74 -18.77 -16.88 24.25
C LEU B 74 -19.84 -16.62 25.31
N GLN B 75 -20.87 -17.47 25.30
CA GLN B 75 -22.05 -17.26 26.14
C GLN B 75 -22.04 -18.14 27.39
N GLN B 76 -20.88 -18.69 27.72
CA GLN B 76 -20.75 -19.46 28.95
C GLN B 76 -20.69 -18.52 30.15
N PRO B 77 -21.20 -18.98 31.31
CA PRO B 77 -21.26 -18.13 32.50
C PRO B 77 -19.90 -17.66 33.00
N GLU B 78 -18.86 -18.47 32.82
CA GLU B 78 -17.53 -18.11 33.33
C GLU B 78 -16.84 -17.06 32.44
N ILE B 79 -17.49 -16.68 31.35
CA ILE B 79 -16.96 -15.64 30.48
C ILE B 79 -17.62 -14.30 30.81
N GLN B 80 -16.82 -13.36 31.31
CA GLN B 80 -17.29 -12.04 31.71
C GLN B 80 -16.31 -10.94 31.37
N PRO B 81 -16.80 -9.69 31.24
CA PRO B 81 -15.89 -8.57 31.07
C PRO B 81 -14.89 -8.49 32.21
N ASN B 82 -13.66 -8.10 31.92
CA ASN B 82 -12.68 -7.90 32.98
C ASN B 82 -12.47 -6.41 33.21
N ALA B 83 -11.54 -6.07 34.12
CA ALA B 83 -11.33 -4.69 34.53
C ALA B 83 -11.00 -3.77 33.36
N ALA B 84 -10.33 -4.29 32.34
CA ALA B 84 -10.01 -3.50 31.17
C ALA B 84 -11.25 -3.13 30.37
N HIS B 85 -12.17 -4.07 30.20
CA HIS B 85 -13.40 -3.76 29.49
C HIS B 85 -14.15 -2.67 30.26
N LEU B 86 -14.20 -2.82 31.58
CA LEU B 86 -14.97 -1.89 32.39
C LEU B 86 -14.38 -0.48 32.32
N ALA B 87 -13.06 -0.38 32.39
CA ALA B 87 -12.38 0.91 32.30
C ALA B 87 -12.71 1.66 31.00
N LEU B 88 -12.84 0.94 29.89
CA LEU B 88 -13.21 1.59 28.63
C LEU B 88 -14.66 2.10 28.65
N ALA B 89 -15.50 1.44 29.44
CA ALA B 89 -16.88 1.89 29.59
C ALA B 89 -16.91 3.19 30.39
N LYS B 90 -16.06 3.28 31.41
CA LYS B 90 -15.92 4.51 32.18
C LYS B 90 -15.35 5.63 31.33
N LEU B 91 -14.43 5.28 30.42
CA LEU B 91 -13.84 6.29 29.56
C LEU B 91 -14.88 6.89 28.62
N GLN B 92 -15.76 6.04 28.08
CA GLN B 92 -16.81 6.54 27.19
C GLN B 92 -17.79 7.41 27.96
N ASP B 93 -18.12 7.00 29.18
CA ASP B 93 -19.01 7.77 30.04
C ASP B 93 -18.52 9.21 30.21
N ALA B 94 -17.20 9.35 30.35
CA ALA B 94 -16.60 10.65 30.62
C ALA B 94 -16.40 11.52 29.38
N LEU B 95 -16.27 10.91 28.21
CA LEU B 95 -15.94 11.66 27.00
C LEU B 95 -17.11 11.85 26.05
N GLY B 96 -18.14 11.03 26.18
CA GLY B 96 -19.29 11.13 25.30
C GLY B 96 -18.94 10.90 23.85
N ASP B 97 -19.37 11.82 22.98
CA ASP B 97 -19.19 11.63 21.55
C ASP B 97 -17.78 11.99 21.08
N ARG B 98 -16.91 12.35 22.02
CA ARG B 98 -15.51 12.57 21.69
C ARG B 98 -14.71 11.28 21.86
N PHE B 99 -15.43 10.19 22.11
CA PHE B 99 -14.83 8.86 22.28
C PHE B 99 -15.36 7.93 21.19
N LEU B 100 -14.48 7.13 20.60
CA LEU B 100 -14.92 6.08 19.70
C LEU B 100 -14.15 4.82 19.99
N LEU B 101 -14.86 3.70 20.10
CA LEU B 101 -14.20 2.42 20.34
C LEU B 101 -14.35 1.54 19.10
N VAL B 102 -13.21 1.13 18.56
CA VAL B 102 -13.16 0.20 17.44
C VAL B 102 -12.55 -1.10 17.92
N THR B 103 -13.21 -2.22 17.69
CA THR B 103 -12.63 -3.51 18.08
C THR B 103 -12.48 -4.47 16.91
N GLN B 104 -11.41 -5.26 16.95
CA GLN B 104 -11.21 -6.36 16.03
C GLN B 104 -11.88 -7.63 16.57
N ASN B 105 -12.31 -7.57 17.83
CA ASN B 105 -12.90 -8.73 18.47
C ASN B 105 -14.32 -9.00 18.01
N CYS B 106 -14.69 -10.28 17.94
CA CYS B 106 -16.04 -10.65 17.55
CA CYS B 106 -16.05 -10.65 17.56
C CYS B 106 -16.89 -10.95 18.80
N ASP B 107 -16.27 -10.81 19.97
CA ASP B 107 -16.99 -11.03 21.22
C ASP B 107 -17.87 -9.83 21.53
N ASN B 108 -18.69 -9.95 22.56
CA ASN B 108 -19.58 -8.86 22.94
C ASN B 108 -19.23 -8.28 24.31
N LEU B 109 -17.98 -8.43 24.73
CA LEU B 109 -17.60 -8.07 26.08
C LEU B 109 -17.54 -6.55 26.28
N HIS B 110 -17.31 -5.80 25.19
CA HIS B 110 -17.32 -4.34 25.28
C HIS B 110 -18.74 -3.88 25.57
N GLU B 111 -19.69 -4.53 24.91
CA GLU B 111 -21.10 -4.21 25.08
C GLU B 111 -21.59 -4.60 26.47
N ARG B 112 -21.19 -5.77 26.95
CA ARG B 112 -21.59 -6.21 28.28
C ARG B 112 -20.96 -5.34 29.37
N ALA B 113 -19.83 -4.72 29.05
CA ALA B 113 -19.14 -3.84 29.97
C ALA B 113 -19.84 -2.49 30.09
N GLY B 114 -20.56 -2.11 29.05
CA GLY B 114 -21.32 -0.87 29.06
C GLY B 114 -21.02 0.09 27.93
N ASN B 115 -20.05 -0.24 27.09
CA ASN B 115 -19.79 0.61 25.93
C ASN B 115 -20.92 0.53 24.92
N THR B 116 -21.15 1.62 24.20
CA THR B 116 -22.13 1.64 23.13
C THR B 116 -21.51 2.14 21.84
N ASN B 117 -22.17 1.86 20.72
CA ASN B 117 -21.70 2.23 19.39
C ASN B 117 -20.31 1.68 19.14
N VAL B 118 -20.09 0.45 19.58
CA VAL B 118 -18.81 -0.22 19.35
C VAL B 118 -18.72 -0.60 17.88
N ILE B 119 -17.64 -0.19 17.22
CA ILE B 119 -17.45 -0.57 15.82
C ILE B 119 -16.69 -1.89 15.74
N HIS B 120 -17.37 -2.92 15.28
CA HIS B 120 -16.76 -4.23 15.12
C HIS B 120 -16.22 -4.35 13.70
N MET B 121 -14.98 -3.92 13.49
CA MET B 121 -14.44 -3.86 12.14
C MET B 121 -14.22 -5.26 11.54
N HIS B 122 -14.16 -6.30 12.38
CA HIS B 122 -14.06 -7.68 11.89
C HIS B 122 -15.32 -8.49 12.15
N GLY B 123 -16.43 -7.82 12.47
CA GLY B 123 -17.70 -8.52 12.63
C GLY B 123 -18.00 -8.98 14.05
N GLU B 124 -19.06 -9.77 14.20
CA GLU B 124 -19.55 -10.20 15.51
C GLU B 124 -19.99 -11.67 15.53
N LEU B 125 -19.60 -12.40 16.57
CA LEU B 125 -19.96 -13.81 16.70
C LEU B 125 -21.45 -14.00 16.90
N LEU B 126 -22.10 -13.01 17.50
CA LEU B 126 -23.54 -13.11 17.79
C LEU B 126 -24.38 -12.56 16.65
N LYS B 127 -23.81 -12.59 15.46
CA LYS B 127 -24.54 -12.23 14.24
C LYS B 127 -24.19 -13.18 13.12
N VAL B 128 -25.15 -13.42 12.23
CA VAL B 128 -24.91 -14.20 11.03
C VAL B 128 -25.28 -13.36 9.82
N ARG B 129 -24.89 -13.82 8.64
CA ARG B 129 -25.14 -13.05 7.44
C ARG B 129 -25.78 -13.89 6.37
N CYS B 130 -26.89 -13.37 5.86
CA CYS B 130 -27.62 -13.96 4.75
C CYS B 130 -26.80 -13.59 3.51
N SER B 131 -26.00 -14.54 3.03
CA SER B 131 -24.95 -14.24 2.05
C SER B 131 -25.41 -13.82 0.65
N GLN B 132 -26.69 -13.99 0.34
CA GLN B 132 -27.19 -13.55 -0.95
C GLN B 132 -27.43 -12.04 -0.89
N SER B 133 -27.97 -11.58 0.23
CA SER B 133 -28.19 -10.17 0.45
C SER B 133 -26.93 -9.50 1.00
N GLY B 134 -26.59 -9.86 2.23
CA GLY B 134 -25.39 -9.39 2.87
C GLY B 134 -25.79 -8.87 4.25
N GLN B 135 -27.10 -8.85 4.48
CA GLN B 135 -27.67 -8.29 5.71
C GLN B 135 -27.31 -9.14 6.93
N ALA B 136 -26.85 -8.48 7.98
CA ALA B 136 -26.50 -9.17 9.20
C ALA B 136 -27.70 -9.28 10.12
N LEU B 137 -27.87 -10.46 10.72
CA LEU B 137 -29.00 -10.74 11.59
C LEU B 137 -28.51 -11.24 12.94
N ASP B 138 -29.20 -10.86 14.01
CA ASP B 138 -28.84 -11.34 15.34
C ASP B 138 -29.01 -12.85 15.42
N TRP B 139 -28.11 -13.51 16.15
CA TRP B 139 -28.08 -14.97 16.20
C TRP B 139 -27.21 -15.46 17.35
N THR B 140 -27.81 -16.17 18.29
CA THR B 140 -27.09 -16.58 19.49
C THR B 140 -26.87 -18.08 19.58
N GLY B 141 -27.59 -18.83 18.77
CA GLY B 141 -27.51 -20.28 18.80
C GLY B 141 -26.67 -20.86 17.68
N ASP B 142 -26.70 -22.18 17.55
CA ASP B 142 -25.98 -22.84 16.46
C ASP B 142 -26.53 -22.45 15.10
N VAL B 143 -25.70 -22.62 14.08
CA VAL B 143 -26.16 -22.48 12.70
C VAL B 143 -26.15 -23.87 12.08
N THR B 144 -27.33 -24.37 11.72
CA THR B 144 -27.42 -25.66 11.08
C THR B 144 -27.81 -25.51 9.61
N PRO B 145 -27.74 -26.59 8.82
CA PRO B 145 -28.23 -26.55 7.44
C PRO B 145 -29.74 -26.34 7.34
N GLU B 146 -30.43 -26.34 8.48
CA GLU B 146 -31.88 -26.16 8.51
C GLU B 146 -32.24 -24.69 8.71
N PRO B 157 -27.74 -20.07 2.12
CA PRO B 157 -26.71 -20.54 3.06
C PRO B 157 -26.20 -19.41 3.95
N LEU B 158 -26.45 -19.53 5.25
CA LEU B 158 -26.01 -18.51 6.21
C LEU B 158 -24.54 -18.70 6.55
N ARG B 159 -23.87 -17.58 6.84
CA ARG B 159 -22.47 -17.62 7.28
C ARG B 159 -22.29 -16.74 8.52
N PRO B 160 -21.23 -17.00 9.31
CA PRO B 160 -20.91 -16.09 10.41
C PRO B 160 -20.70 -14.66 9.91
N HIS B 161 -21.19 -13.68 10.66
CA HIS B 161 -20.96 -12.28 10.32
C HIS B 161 -19.58 -11.89 10.82
N VAL B 162 -18.56 -12.46 10.18
CA VAL B 162 -17.19 -12.34 10.63
C VAL B 162 -16.34 -12.03 9.42
N VAL B 163 -15.44 -11.05 9.53
CA VAL B 163 -14.62 -10.69 8.38
C VAL B 163 -13.45 -11.64 8.28
N TRP B 164 -13.38 -12.38 7.16
CA TRP B 164 -12.30 -13.32 6.95
C TRP B 164 -11.17 -12.66 6.18
N PHE B 165 -9.99 -13.29 6.19
CA PHE B 165 -8.86 -12.78 5.44
C PHE B 165 -9.23 -12.68 3.96
N GLY B 166 -8.84 -11.57 3.34
CA GLY B 166 -9.22 -11.30 1.97
C GLY B 166 -10.52 -10.54 1.84
N GLU B 167 -11.27 -10.41 2.93
CA GLU B 167 -12.51 -9.65 2.91
C GLU B 167 -12.31 -8.25 3.50
N MET B 168 -13.19 -7.33 3.11
CA MET B 168 -13.10 -5.94 3.56
C MET B 168 -13.63 -5.78 4.99
N PRO B 169 -12.83 -5.14 5.85
CA PRO B 169 -13.30 -4.85 7.21
C PRO B 169 -14.51 -3.93 7.19
N LEU B 170 -15.25 -3.90 8.30
CA LEU B 170 -16.49 -3.14 8.38
C LEU B 170 -16.25 -1.77 9.01
N GLY B 171 -17.04 -0.79 8.57
CA GLY B 171 -17.01 0.53 9.18
C GLY B 171 -15.76 1.36 8.93
N MET B 172 -15.01 1.05 7.90
CA MET B 172 -13.72 1.71 7.67
C MET B 172 -13.85 3.22 7.42
N ASP B 173 -14.95 3.64 6.80
CA ASP B 173 -15.13 5.06 6.52
C ASP B 173 -15.20 5.86 7.81
N GLU B 174 -16.00 5.40 8.77
CA GLU B 174 -16.14 6.08 10.04
C GLU B 174 -14.85 5.98 10.87
N ILE B 175 -14.14 4.87 10.73
CA ILE B 175 -12.89 4.70 11.49
C ILE B 175 -11.82 5.66 10.99
N TYR B 176 -11.63 5.73 9.68
CA TYR B 176 -10.59 6.60 9.14
C TYR B 176 -10.92 8.07 9.40
N MET B 177 -12.21 8.41 9.45
CA MET B 177 -12.57 9.78 9.80
C MET B 177 -12.15 10.08 11.22
N ALA B 178 -12.43 9.14 12.13
CA ALA B 178 -12.08 9.30 13.53
C ALA B 178 -10.56 9.34 13.72
N LEU B 179 -9.84 8.54 12.94
CA LEU B 179 -8.39 8.53 12.99
C LEU B 179 -7.80 9.90 12.62
N SER B 180 -8.42 10.58 11.67
CA SER B 180 -7.91 11.87 11.25
C SER B 180 -8.26 12.97 12.27
N MET B 181 -9.26 12.71 13.11
CA MET B 181 -9.73 13.69 14.09
C MET B 181 -9.21 13.47 15.50
N ALA B 182 -8.60 12.31 15.76
CA ALA B 182 -8.24 11.94 17.12
C ALA B 182 -7.09 12.78 17.70
N ASP B 183 -7.22 13.15 18.96
CA ASP B 183 -6.14 13.76 19.69
C ASP B 183 -5.28 12.67 20.32
N ILE B 184 -5.91 11.58 20.70
CA ILE B 184 -5.22 10.43 21.30
C ILE B 184 -5.70 9.13 20.66
N PHE B 185 -4.77 8.31 20.20
CA PHE B 185 -5.10 7.00 19.67
C PHE B 185 -4.48 5.94 20.58
N ILE B 186 -5.30 5.00 21.05
CA ILE B 186 -4.84 3.95 21.95
C ILE B 186 -5.11 2.57 21.38
N ALA B 187 -4.05 1.77 21.20
CA ALA B 187 -4.22 0.40 20.74
C ALA B 187 -4.00 -0.59 21.87
N ILE B 188 -4.99 -1.45 22.11
CA ILE B 188 -5.00 -2.31 23.29
C ILE B 188 -5.15 -3.78 22.95
N GLY B 189 -4.18 -4.61 23.37
CA GLY B 189 -4.34 -6.04 23.20
C GLY B 189 -4.27 -6.51 21.76
N THR B 190 -3.48 -5.85 20.93
CA THR B 190 -3.41 -6.23 19.53
C THR B 190 -1.94 -6.29 19.05
N SER B 191 -1.64 -7.31 18.26
CA SER B 191 -0.26 -7.71 18.03
C SER B 191 0.41 -6.99 16.85
N GLY B 192 -0.39 -6.32 16.04
CA GLY B 192 0.17 -5.57 14.92
C GLY B 192 0.51 -6.44 13.72
N HIS B 193 -0.09 -7.61 13.63
CA HIS B 193 0.11 -8.49 12.46
C HIS B 193 -0.91 -8.29 11.36
N VAL B 194 -2.12 -7.88 11.73
CA VAL B 194 -3.21 -7.89 10.78
C VAL B 194 -3.59 -6.49 10.34
N TYR B 195 -3.54 -6.30 9.02
CA TYR B 195 -3.92 -5.05 8.40
C TYR B 195 -5.36 -5.09 7.91
N PRO B 196 -5.98 -3.91 7.75
CA PRO B 196 -5.45 -2.55 7.95
C PRO B 196 -5.34 -2.07 9.40
N ALA B 197 -5.87 -2.82 10.36
CA ALA B 197 -5.89 -2.33 11.75
C ALA B 197 -4.49 -1.99 12.25
N ALA B 198 -3.50 -2.84 11.91
CA ALA B 198 -2.13 -2.60 12.34
C ALA B 198 -1.56 -1.29 11.79
N GLY B 199 -2.20 -0.74 10.77
CA GLY B 199 -1.73 0.51 10.19
C GLY B 199 -2.39 1.75 10.78
N PHE B 200 -3.35 1.55 11.68
CA PHE B 200 -4.06 2.70 12.25
C PHE B 200 -3.13 3.63 13.02
N VAL B 201 -2.14 3.07 13.72
CA VAL B 201 -1.25 3.90 14.51
C VAL B 201 -0.50 4.90 13.61
N HIS B 202 -0.08 4.46 12.43
CA HIS B 202 0.62 5.35 11.53
C HIS B 202 -0.31 6.45 11.01
N GLU B 203 -1.54 6.07 10.68
CA GLU B 203 -2.52 7.03 10.17
C GLU B 203 -2.84 8.10 11.20
N ALA B 204 -3.00 7.67 12.44
CA ALA B 204 -3.28 8.59 13.53
C ALA B 204 -2.14 9.60 13.69
N LYS B 205 -0.91 9.09 13.68
CA LYS B 205 0.26 9.96 13.80
C LYS B 205 0.36 10.98 12.67
N LEU B 206 -0.03 10.58 11.45
CA LEU B 206 0.00 11.47 10.31
C LEU B 206 -0.90 12.68 10.51
N HIS B 207 -2.00 12.49 11.23
CA HIS B 207 -2.93 13.58 11.49
C HIS B 207 -2.71 14.20 12.87
N GLY B 208 -1.56 13.91 13.47
CA GLY B 208 -1.12 14.60 14.67
C GLY B 208 -1.49 14.00 16.02
N ALA B 209 -2.11 12.84 16.02
CA ALA B 209 -2.56 12.23 17.27
C ALA B 209 -1.40 11.76 18.14
N HIS B 210 -1.57 11.88 19.45
CA HIS B 210 -0.69 11.20 20.40
C HIS B 210 -1.08 9.73 20.40
N THR B 211 -0.10 8.84 20.31
CA THR B 211 -0.38 7.43 20.17
C THR B 211 0.11 6.62 21.36
N VAL B 212 -0.72 5.67 21.81
CA VAL B 212 -0.43 4.87 23.00
C VAL B 212 -0.66 3.39 22.75
N GLU B 213 0.33 2.56 23.08
CA GLU B 213 0.17 1.11 22.99
C GLU B 213 0.08 0.50 24.38
N LEU B 214 -1.00 -0.22 24.64
CA LEU B 214 -1.20 -0.96 25.89
C LEU B 214 -1.33 -2.44 25.57
N ASN B 215 -0.38 -3.26 26.04
CA ASN B 215 -0.34 -4.65 25.60
C ASN B 215 0.41 -5.52 26.60
N LEU B 216 0.18 -6.83 26.55
CA LEU B 216 0.98 -7.77 27.36
C LEU B 216 2.45 -7.69 26.99
N GLU B 217 2.73 -7.52 25.70
CA GLU B 217 4.08 -7.46 25.18
C GLU B 217 4.15 -6.53 23.98
N PRO B 218 5.35 -6.00 23.66
CA PRO B 218 5.49 -5.10 22.51
C PRO B 218 4.98 -5.72 21.20
N SER B 219 4.15 -4.98 20.48
CA SER B 219 3.57 -5.49 19.24
C SER B 219 4.54 -5.36 18.08
N GLN B 220 4.11 -5.86 16.92
CA GLN B 220 4.91 -5.77 15.71
C GLN B 220 5.07 -4.33 15.24
N VAL B 221 4.17 -3.45 15.68
CA VAL B 221 4.24 -2.05 15.30
C VAL B 221 4.46 -1.15 16.52
N GLY B 222 4.95 -1.72 17.61
CA GLY B 222 5.09 -0.99 18.86
C GLY B 222 5.98 0.24 18.76
N ASN B 223 6.97 0.17 17.86
CA ASN B 223 7.90 1.27 17.68
C ASN B 223 7.26 2.54 17.11
N GLU B 224 6.07 2.39 16.54
CA GLU B 224 5.34 3.51 15.95
C GLU B 224 4.68 4.39 17.00
N PHE B 225 4.46 3.84 18.19
CA PHE B 225 3.75 4.54 19.26
C PHE B 225 4.64 5.47 20.07
N ALA B 226 4.09 6.63 20.42
CA ALA B 226 4.83 7.60 21.22
C ALA B 226 4.90 7.18 22.69
N GLU B 227 3.83 6.56 23.18
CA GLU B 227 3.72 6.18 24.58
C GLU B 227 3.32 4.71 24.68
N LYS B 228 3.81 3.99 25.69
CA LYS B 228 3.53 2.57 25.76
C LYS B 228 3.68 2.01 27.18
N TYR B 229 2.82 1.05 27.52
CA TYR B 229 2.88 0.38 28.81
C TYR B 229 2.56 -1.09 28.65
N TYR B 230 3.34 -1.95 29.30
CA TYR B 230 3.19 -3.39 29.09
C TYR B 230 2.88 -4.12 30.38
N GLY B 231 2.04 -5.14 30.25
CA GLY B 231 1.54 -5.91 31.37
C GLY B 231 0.17 -6.40 30.97
N PRO B 232 -0.47 -7.20 31.83
CA PRO B 232 -1.81 -7.71 31.56
C PRO B 232 -2.83 -6.57 31.45
N ALA B 233 -3.75 -6.65 30.49
CA ALA B 233 -4.73 -5.59 30.27
C ALA B 233 -5.52 -5.22 31.51
N SER B 234 -5.87 -6.23 32.32
CA SER B 234 -6.66 -6.02 33.52
C SER B 234 -6.03 -5.03 34.50
N GLN B 235 -4.70 -4.93 34.44
CA GLN B 235 -3.94 -4.00 35.25
C GLN B 235 -3.57 -2.73 34.49
N VAL B 236 -3.05 -2.88 33.28
CA VAL B 236 -2.51 -1.75 32.52
C VAL B 236 -3.59 -0.77 32.03
N VAL B 237 -4.73 -1.28 31.60
CA VAL B 237 -5.74 -0.43 30.99
C VAL B 237 -6.46 0.43 32.05
N PRO B 238 -6.92 -0.19 33.16
CA PRO B 238 -7.52 0.71 34.17
C PRO B 238 -6.53 1.74 34.69
N GLU B 239 -5.26 1.34 34.83
CA GLU B 239 -4.23 2.28 35.27
C GLU B 239 -4.07 3.45 34.30
N PHE B 240 -3.99 3.17 33.00
CA PHE B 240 -3.85 4.25 32.04
C PHE B 240 -5.10 5.13 31.97
N VAL B 241 -6.26 4.48 31.96
CA VAL B 241 -7.53 5.20 31.87
C VAL B 241 -7.71 6.12 33.08
N GLU B 242 -7.28 5.65 34.25
CA GLU B 242 -7.42 6.42 35.47
C GLU B 242 -6.54 7.67 35.42
N LYS B 243 -5.37 7.55 34.81
CA LYS B 243 -4.47 8.68 34.72
C LYS B 243 -4.92 9.65 33.62
N LEU B 244 -5.64 9.13 32.64
CA LEU B 244 -6.25 9.97 31.61
C LEU B 244 -7.40 10.79 32.19
N LEU B 245 -8.32 10.12 32.86
CA LEU B 245 -9.48 10.78 33.46
C LEU B 245 -9.08 11.83 34.50
N LYS B 246 -8.03 11.55 35.28
CA LYS B 246 -7.58 12.50 36.29
C LYS B 246 -6.88 13.69 35.65
N GLY B 247 -6.25 13.44 34.50
CA GLY B 247 -5.60 14.50 33.75
C GLY B 247 -6.58 15.48 33.16
N LEU B 248 -7.83 15.04 33.00
CA LEU B 248 -8.89 15.91 32.51
C LEU B 248 -9.16 17.05 33.49
N LYS B 249 -9.66 16.70 34.68
CA LYS B 249 -9.93 17.69 35.72
C LYS B 249 -8.65 18.15 36.41
N LYS C 15 -7.40 35.25 21.71
CA LYS C 15 -7.64 34.59 20.42
C LYS C 15 -8.62 35.39 19.57
N PRO C 16 -8.42 35.37 18.24
CA PRO C 16 -9.33 36.08 17.34
C PRO C 16 -10.72 35.47 17.33
N ARG C 17 -11.73 36.31 17.18
CA ARG C 17 -13.07 35.82 16.92
C ARG C 17 -13.15 35.46 15.44
N VAL C 18 -13.52 34.23 15.14
CA VAL C 18 -13.56 33.77 13.75
C VAL C 18 -14.96 33.35 13.37
N LEU C 19 -15.46 33.93 12.27
CA LEU C 19 -16.76 33.55 11.75
C LEU C 19 -16.55 32.93 10.37
N VAL C 20 -17.05 31.71 10.19
CA VAL C 20 -16.91 31.02 8.91
C VAL C 20 -18.28 30.85 8.26
N LEU C 21 -18.36 31.25 6.99
CA LEU C 21 -19.53 31.02 6.17
C LEU C 21 -19.23 29.93 5.16
N THR C 22 -20.07 28.92 5.07
CA THR C 22 -19.86 27.89 4.04
C THR C 22 -21.04 27.77 3.08
N GLY C 23 -20.72 27.31 1.87
CA GLY C 23 -21.71 27.04 0.85
C GLY C 23 -21.49 25.68 0.21
N ALA C 24 -22.16 25.46 -0.91
CA ALA C 24 -22.25 24.12 -1.51
C ALA C 24 -20.90 23.57 -1.91
N GLY C 25 -19.93 24.44 -2.14
CA GLY C 25 -18.63 24.02 -2.62
C GLY C 25 -17.85 23.18 -1.63
N ILE C 26 -18.14 23.32 -0.35
CA ILE C 26 -17.37 22.56 0.64
C ILE C 26 -17.88 21.12 0.71
N SER C 27 -19.05 20.87 0.14
CA SER C 27 -19.61 19.51 0.17
C SER C 27 -19.56 18.83 -1.19
N ALA C 28 -19.07 19.54 -2.20
CA ALA C 28 -18.97 19.00 -3.56
C ALA C 28 -18.15 17.71 -3.59
N GLU C 29 -16.99 17.72 -2.94
CA GLU C 29 -16.08 16.57 -2.95
C GLU C 29 -16.59 15.44 -2.07
N SER C 30 -17.67 15.69 -1.34
CA SER C 30 -18.30 14.68 -0.52
C SER C 30 -19.41 13.96 -1.27
N GLY C 31 -19.59 14.31 -2.54
CA GLY C 31 -20.58 13.67 -3.39
C GLY C 31 -21.91 14.40 -3.50
N ILE C 32 -21.97 15.61 -2.97
CA ILE C 32 -23.18 16.43 -3.10
C ILE C 32 -22.95 17.49 -4.18
N ARG C 33 -23.55 17.29 -5.35
CA ARG C 33 -23.31 18.19 -6.49
C ARG C 33 -23.80 19.60 -6.20
N THR C 34 -23.12 20.58 -6.79
CA THR C 34 -23.41 21.99 -6.55
C THR C 34 -24.35 22.61 -7.60
N PHE C 35 -24.94 23.74 -7.25
N PHE C 35 -24.87 23.79 -7.30
CA PHE C 35 -25.69 24.52 -8.24
CA PHE C 35 -25.76 24.49 -8.24
C PHE C 35 -24.72 24.91 -9.33
C PHE C 35 -24.97 25.06 -9.42
N ARG C 36 -24.86 24.27 -10.49
CA ARG C 36 -24.06 24.65 -11.64
C ARG C 36 -24.67 25.87 -12.34
N ALA C 37 -23.88 26.94 -12.40
CA ALA C 37 -24.35 28.21 -12.95
C ALA C 37 -24.58 28.14 -14.46
N ALA C 38 -23.87 27.25 -15.12
CA ALA C 38 -23.89 27.14 -16.58
C ALA C 38 -25.30 26.97 -17.16
N ASP C 39 -26.09 26.07 -16.58
CA ASP C 39 -27.47 25.88 -17.01
C ASP C 39 -28.48 26.60 -16.14
N GLY C 40 -28.09 26.91 -14.91
CA GLY C 40 -28.98 27.55 -13.96
C GLY C 40 -29.96 26.50 -13.44
N LEU C 41 -29.52 25.25 -13.47
CA LEU C 41 -30.35 24.12 -13.07
C LEU C 41 -29.81 23.43 -11.83
N TRP C 42 -30.73 22.99 -10.97
CA TRP C 42 -30.37 22.19 -9.80
C TRP C 42 -30.96 20.79 -9.94
N GLU C 43 -30.09 19.80 -10.13
CA GLU C 43 -30.51 18.43 -10.39
C GLU C 43 -31.49 18.39 -11.56
N GLU C 44 -31.14 19.10 -12.63
CA GLU C 44 -31.93 19.17 -13.85
C GLU C 44 -33.32 19.80 -13.65
N HIS C 45 -33.48 20.53 -12.55
CA HIS C 45 -34.72 21.25 -12.26
C HIS C 45 -34.53 22.76 -12.28
N ARG C 46 -35.54 23.49 -12.73
CA ARG C 46 -35.51 24.95 -12.65
C ARG C 46 -35.72 25.39 -11.21
N VAL C 47 -34.93 26.37 -10.78
CA VAL C 47 -35.02 26.88 -9.41
C VAL C 47 -36.43 27.37 -9.07
N GLU C 48 -37.09 27.97 -10.04
CA GLU C 48 -38.43 28.52 -9.81
C GLU C 48 -39.40 27.43 -9.41
N ASP C 49 -39.16 26.22 -9.91
CA ASP C 49 -40.08 25.10 -9.70
C ASP C 49 -39.86 24.35 -8.39
N VAL C 50 -38.63 24.29 -7.90
CA VAL C 50 -38.34 23.50 -6.71
C VAL C 50 -37.74 24.33 -5.56
N GLY C 51 -37.51 25.61 -5.80
CA GLY C 51 -36.86 26.45 -4.81
C GLY C 51 -37.55 27.77 -4.49
N THR C 52 -38.85 27.82 -4.72
CA THR C 52 -39.66 28.99 -4.40
C THR C 52 -40.96 28.55 -3.74
N PRO C 53 -41.58 29.43 -2.93
CA PRO C 53 -42.87 29.06 -2.33
C PRO C 53 -43.92 28.84 -3.40
N GLU C 54 -43.81 29.59 -4.49
CA GLU C 54 -44.79 29.50 -5.56
C GLU C 54 -44.71 28.14 -6.23
N GLY C 55 -43.49 27.66 -6.40
CA GLY C 55 -43.27 26.34 -6.97
C GLY C 55 -43.92 25.27 -6.10
N PHE C 56 -43.81 25.44 -4.80
CA PHE C 56 -44.38 24.48 -3.85
C PHE C 56 -45.91 24.49 -3.90
N ASP C 57 -46.51 25.67 -4.00
CA ASP C 57 -47.97 25.77 -4.09
C ASP C 57 -48.48 25.19 -5.40
N ARG C 58 -47.68 25.39 -6.45
CA ARG C 58 -48.04 25.02 -7.81
C ARG C 58 -47.97 23.51 -8.08
N ASP C 59 -46.99 22.83 -7.49
CA ASP C 59 -46.87 21.38 -7.64
C ASP C 59 -46.23 20.76 -6.40
N PRO C 60 -46.99 20.69 -5.28
CA PRO C 60 -46.47 20.23 -3.99
C PRO C 60 -45.87 18.84 -4.02
N GLU C 61 -46.46 17.92 -4.77
CA GLU C 61 -45.98 16.55 -4.70
C GLU C 61 -44.69 16.39 -5.50
N LEU C 62 -44.49 17.20 -6.54
CA LEU C 62 -43.23 17.16 -7.25
C LEU C 62 -42.13 17.70 -6.36
N VAL C 63 -42.40 18.85 -5.74
CA VAL C 63 -41.41 19.50 -4.90
C VAL C 63 -41.10 18.61 -3.70
N GLN C 64 -42.13 18.00 -3.12
CA GLN C 64 -41.94 17.07 -2.01
C GLN C 64 -41.10 15.88 -2.44
N ALA C 65 -41.33 15.40 -3.66
CA ALA C 65 -40.54 14.30 -4.21
C ALA C 65 -39.09 14.69 -4.44
N PHE C 66 -38.89 15.93 -4.88
CA PHE C 66 -37.54 16.45 -5.12
C PHE C 66 -36.71 16.43 -3.84
N TYR C 67 -37.28 16.98 -2.77
CA TYR C 67 -36.55 17.03 -1.51
C TYR C 67 -36.47 15.66 -0.85
N ASN C 68 -37.47 14.80 -1.08
CA ASN C 68 -37.38 13.42 -0.65
C ASN C 68 -36.15 12.75 -1.25
N ALA C 69 -35.91 13.05 -2.52
CA ALA C 69 -34.75 12.53 -3.22
C ALA C 69 -33.46 13.10 -2.63
N ARG C 70 -33.43 14.41 -2.39
CA ARG C 70 -32.24 15.04 -1.82
C ARG C 70 -31.97 14.48 -0.43
N ARG C 71 -33.02 14.27 0.34
CA ARG C 71 -32.90 13.76 1.70
C ARG C 71 -32.34 12.33 1.75
N ARG C 72 -32.75 11.50 0.79
CA ARG C 72 -32.24 10.14 0.72
C ARG C 72 -30.78 10.09 0.27
N GLN C 73 -30.47 10.81 -0.80
CA GLN C 73 -29.09 10.91 -1.30
C GLN C 73 -28.11 11.38 -0.23
N LEU C 74 -28.59 12.23 0.67
CA LEU C 74 -27.76 12.75 1.75
C LEU C 74 -27.31 11.63 2.68
N GLN C 75 -28.16 10.63 2.86
CA GLN C 75 -27.93 9.58 3.83
C GLN C 75 -27.38 8.29 3.23
N GLN C 76 -26.87 8.39 2.01
CA GLN C 76 -26.22 7.26 1.35
C GLN C 76 -24.85 7.03 1.96
N PRO C 77 -24.40 5.76 2.00
CA PRO C 77 -23.12 5.44 2.64
C PRO C 77 -21.91 6.14 2.01
N GLU C 78 -21.96 6.38 0.70
CA GLU C 78 -20.81 6.98 0.02
C GLU C 78 -20.72 8.49 0.25
N ILE C 79 -21.68 9.04 0.98
CA ILE C 79 -21.65 10.47 1.31
C ILE C 79 -21.07 10.65 2.72
N GLN C 80 -19.90 11.26 2.79
CA GLN C 80 -19.20 11.48 4.06
C GLN C 80 -18.50 12.83 4.08
N PRO C 81 -18.25 13.36 5.29
CA PRO C 81 -17.44 14.59 5.39
C PRO C 81 -16.08 14.42 4.72
N ASN C 82 -15.57 15.48 4.11
CA ASN C 82 -14.24 15.45 3.54
C ASN C 82 -13.28 16.23 4.42
N ALA C 83 -12.03 16.35 3.97
CA ALA C 83 -10.96 16.99 4.76
C ALA C 83 -11.30 18.42 5.17
N ALA C 84 -12.05 19.12 4.33
CA ALA C 84 -12.45 20.49 4.65
C ALA C 84 -13.43 20.53 5.81
N HIS C 85 -14.40 19.62 5.83
CA HIS C 85 -15.34 19.58 6.93
C HIS C 85 -14.59 19.30 8.23
N LEU C 86 -13.65 18.36 8.17
CA LEU C 86 -12.93 17.94 9.37
C LEU C 86 -12.09 19.09 9.94
N ALA C 87 -11.40 19.82 9.05
CA ALA C 87 -10.58 20.96 9.47
C ALA C 87 -11.40 22.02 10.23
N LEU C 88 -12.63 22.27 9.80
CA LEU C 88 -13.47 23.22 10.51
C LEU C 88 -13.87 22.72 11.91
N ALA C 89 -13.95 21.41 12.07
CA ALA C 89 -14.25 20.84 13.38
C ALA C 89 -13.05 21.03 14.31
N LYS C 90 -11.85 20.86 13.77
CA LYS C 90 -10.62 21.12 14.51
C LYS C 90 -10.50 22.59 14.87
N LEU C 91 -10.95 23.46 13.97
CA LEU C 91 -10.89 24.90 14.23
C LEU C 91 -11.79 25.29 15.39
N GLN C 92 -12.98 24.69 15.45
CA GLN C 92 -13.89 24.98 16.55
C GLN C 92 -13.33 24.45 17.87
N ASP C 93 -12.72 23.27 17.81
CA ASP C 93 -12.09 22.67 18.99
C ASP C 93 -11.07 23.63 19.61
N ALA C 94 -10.33 24.32 18.75
CA ALA C 94 -9.25 25.19 19.21
C ALA C 94 -9.71 26.57 19.68
N LEU C 95 -10.84 27.04 19.18
CA LEU C 95 -11.28 28.41 19.45
C LEU C 95 -12.44 28.51 20.44
N GLY C 96 -13.16 27.42 20.64
CA GLY C 96 -14.30 27.43 21.55
C GLY C 96 -15.39 28.40 21.13
N ASP C 97 -15.83 29.24 22.06
CA ASP C 97 -16.95 30.15 21.81
C ASP C 97 -16.54 31.40 21.04
N ARG C 98 -15.27 31.49 20.64
CA ARG C 98 -14.83 32.57 19.79
C ARG C 98 -14.93 32.17 18.32
N PHE C 99 -15.54 31.01 18.08
CA PHE C 99 -15.75 30.49 16.74
C PHE C 99 -17.23 30.36 16.47
N LEU C 100 -17.66 30.76 15.27
CA LEU C 100 -19.03 30.50 14.85
C LEU C 100 -19.04 30.03 13.41
N LEU C 101 -19.78 28.96 13.14
CA LEU C 101 -19.91 28.45 11.80
C LEU C 101 -21.33 28.66 11.29
N VAL C 102 -21.45 29.39 10.18
CA VAL C 102 -22.73 29.62 9.51
C VAL C 102 -22.68 28.92 8.16
N THR C 103 -23.66 28.06 7.87
CA THR C 103 -23.67 27.40 6.57
C THR C 103 -24.96 27.69 5.81
N GLN C 104 -24.82 27.80 4.49
CA GLN C 104 -25.96 27.89 3.59
C GLN C 104 -26.43 26.49 3.18
N ASN C 105 -25.63 25.48 3.52
CA ASN C 105 -25.94 24.11 3.14
C ASN C 105 -27.04 23.49 3.96
N CYS C 106 -27.84 22.64 3.34
CA CYS C 106 -28.89 21.93 4.05
CA CYS C 106 -28.89 21.93 4.05
C CYS C 106 -28.43 20.54 4.49
N ASP C 107 -27.20 20.19 4.13
CA ASP C 107 -26.66 18.89 4.53
C ASP C 107 -26.25 18.90 6.00
N ASN C 108 -25.88 17.74 6.51
CA ASN C 108 -25.47 17.63 7.90
C ASN C 108 -24.00 17.27 8.06
N LEU C 109 -23.21 17.58 7.04
CA LEU C 109 -21.82 17.13 7.02
C LEU C 109 -20.95 17.87 8.02
N HIS C 110 -21.32 19.10 8.37
CA HIS C 110 -20.58 19.86 9.38
C HIS C 110 -20.77 19.17 10.73
N GLU C 111 -22.00 18.73 10.98
CA GLU C 111 -22.35 18.06 12.21
C GLU C 111 -21.68 16.69 12.31
N ARG C 112 -21.66 15.95 11.20
CA ARG C 112 -21.01 14.64 11.18
C ARG C 112 -19.50 14.77 11.34
N ALA C 113 -18.97 15.92 10.96
CA ALA C 113 -17.53 16.18 11.07
C ALA C 113 -17.15 16.48 12.51
N GLY C 114 -18.10 16.97 13.29
CA GLY C 114 -17.86 17.24 14.70
C GLY C 114 -18.15 18.66 15.14
N ASN C 115 -18.52 19.52 14.20
CA ASN C 115 -18.90 20.87 14.57
C ASN C 115 -20.21 20.87 15.35
N THR C 116 -20.37 21.81 16.27
CA THR C 116 -21.62 21.96 16.99
C THR C 116 -22.09 23.41 16.90
N ASN C 117 -23.36 23.63 17.21
CA ASN C 117 -23.97 24.96 17.14
C ASN C 117 -23.83 25.56 15.74
N VAL C 118 -23.98 24.71 14.73
CA VAL C 118 -23.93 25.16 13.34
C VAL C 118 -25.20 25.93 13.01
N ILE C 119 -25.05 27.14 12.51
CA ILE C 119 -26.20 27.93 12.11
C ILE C 119 -26.53 27.64 10.66
N HIS C 120 -27.67 27.01 10.43
CA HIS C 120 -28.12 26.70 9.08
C HIS C 120 -29.03 27.82 8.59
N MET C 121 -28.44 28.85 8.00
CA MET C 121 -29.21 30.03 7.64
C MET C 121 -30.22 29.74 6.52
N HIS C 122 -30.01 28.66 5.76
CA HIS C 122 -30.99 28.27 4.73
C HIS C 122 -31.73 26.97 5.08
N GLY C 123 -31.66 26.56 6.34
CA GLY C 123 -32.42 25.39 6.78
C GLY C 123 -31.68 24.07 6.65
N GLU C 124 -32.40 22.97 6.88
CA GLU C 124 -31.80 21.64 6.94
C GLU C 124 -32.67 20.58 6.26
N LEU C 125 -32.03 19.70 5.48
CA LEU C 125 -32.74 18.65 4.76
C LEU C 125 -33.35 17.62 5.70
N LEU C 126 -32.70 17.44 6.85
CA LEU C 126 -33.14 16.44 7.82
C LEU C 126 -34.13 17.03 8.82
N LYS C 127 -34.81 18.08 8.39
CA LYS C 127 -35.90 18.65 9.17
C LYS C 127 -37.04 19.03 8.26
N VAL C 128 -38.24 18.91 8.78
CA VAL C 128 -39.39 19.45 8.06
C VAL C 128 -40.05 20.38 9.04
N ARG C 129 -40.89 21.28 8.54
CA ARG C 129 -41.58 22.15 9.44
C ARG C 129 -43.02 22.16 8.99
N CYS C 130 -43.90 21.93 9.94
CA CYS C 130 -45.33 21.96 9.71
C CYS C 130 -45.68 23.44 9.63
N SER C 131 -46.10 23.92 8.46
CA SER C 131 -46.23 25.35 8.18
C SER C 131 -47.28 26.04 9.10
N GLN C 132 -48.05 25.23 9.82
CA GLN C 132 -49.01 25.67 10.85
C GLN C 132 -48.39 26.73 11.79
N SER C 133 -47.61 26.22 12.74
CA SER C 133 -46.90 26.95 13.79
C SER C 133 -45.58 27.52 13.34
N GLY C 134 -44.86 26.73 12.54
CA GLY C 134 -43.58 27.13 12.01
C GLY C 134 -42.55 26.19 12.64
N GLN C 135 -43.04 25.34 13.53
CA GLN C 135 -42.20 24.44 14.31
C GLN C 135 -41.46 23.45 13.42
N ALA C 136 -40.15 23.36 13.59
CA ALA C 136 -39.35 22.43 12.82
C ALA C 136 -39.21 21.11 13.56
N LEU C 137 -39.31 20.02 12.83
CA LEU C 137 -39.25 18.68 13.41
C LEU C 137 -38.18 17.85 12.73
N ASP C 138 -37.47 17.03 13.50
CA ASP C 138 -36.47 16.14 12.93
C ASP C 138 -37.16 15.16 11.99
N TRP C 139 -36.50 14.84 10.88
CA TRP C 139 -37.14 14.03 9.86
C TRP C 139 -36.12 13.45 8.89
N THR C 140 -36.04 12.13 8.83
CA THR C 140 -35.01 11.46 8.03
C THR C 140 -35.57 10.72 6.83
N GLY C 141 -36.88 10.47 6.82
CA GLY C 141 -37.50 9.71 5.76
C GLY C 141 -38.25 10.56 4.76
N ASP C 142 -38.97 9.90 3.85
CA ASP C 142 -39.80 10.59 2.87
C ASP C 142 -40.93 11.36 3.53
N VAL C 143 -41.46 12.35 2.81
CA VAL C 143 -42.67 13.03 3.25
C VAL C 143 -43.82 12.68 2.32
N THR C 144 -44.81 11.98 2.87
CA THR C 144 -46.03 11.62 2.15
C THR C 144 -47.16 12.41 2.79
N PRO C 145 -48.41 12.29 2.26
CA PRO C 145 -49.48 12.95 3.01
C PRO C 145 -49.72 12.37 4.42
N GLU C 146 -48.78 12.63 5.32
CA GLU C 146 -48.86 12.18 6.71
C GLU C 146 -49.44 13.24 7.65
N PRO C 157 -50.31 20.18 6.04
CA PRO C 157 -49.29 19.94 5.00
C PRO C 157 -47.88 20.28 5.45
N LEU C 158 -47.03 19.26 5.55
CA LEU C 158 -45.63 19.43 5.93
C LEU C 158 -44.80 19.90 4.75
N ARG C 159 -43.78 20.70 5.02
CA ARG C 159 -42.84 21.14 3.99
C ARG C 159 -41.41 20.95 4.45
N PRO C 160 -40.45 20.87 3.50
CA PRO C 160 -39.04 20.85 3.88
C PRO C 160 -38.67 22.07 4.72
N HIS C 161 -37.85 21.87 5.74
CA HIS C 161 -37.38 23.00 6.53
C HIS C 161 -36.21 23.64 5.80
N VAL C 162 -36.53 24.25 4.68
CA VAL C 162 -35.54 24.75 3.75
C VAL C 162 -35.97 26.17 3.38
N VAL C 163 -35.04 27.12 3.39
CA VAL C 163 -35.40 28.49 3.08
C VAL C 163 -35.43 28.66 1.57
N TRP C 164 -36.59 29.02 1.02
CA TRP C 164 -36.70 29.19 -0.42
C TRP C 164 -36.50 30.66 -0.80
N PHE C 165 -36.25 30.92 -2.08
CA PHE C 165 -36.10 32.29 -2.55
C PHE C 165 -37.35 33.10 -2.20
N GLY C 166 -37.13 34.31 -1.71
CA GLY C 166 -38.22 35.15 -1.24
C GLY C 166 -38.54 34.99 0.24
N GLU C 167 -37.98 33.95 0.87
CA GLU C 167 -38.21 33.73 2.29
C GLU C 167 -37.02 34.24 3.10
N MET C 168 -37.25 34.54 4.37
CA MET C 168 -36.22 35.08 5.25
C MET C 168 -35.27 33.98 5.75
N PRO C 169 -33.96 34.21 5.61
CA PRO C 169 -32.98 33.24 6.12
C PRO C 169 -33.09 33.11 7.63
N LEU C 170 -32.55 32.03 8.18
CA LEU C 170 -32.67 31.75 9.61
C LEU C 170 -31.45 32.24 10.38
N GLY C 171 -31.68 32.64 11.62
CA GLY C 171 -30.58 33.01 12.51
C GLY C 171 -29.85 34.30 12.19
N MET C 172 -30.48 35.18 11.43
CA MET C 172 -29.79 36.38 10.95
C MET C 172 -29.35 37.30 12.10
N ASP C 173 -30.13 37.35 13.18
CA ASP C 173 -29.77 38.21 14.30
C ASP C 173 -28.43 37.80 14.90
N GLU C 174 -28.27 36.51 15.15
CA GLU C 174 -27.04 36.01 15.73
C GLU C 174 -25.88 36.12 14.74
N ILE C 175 -26.19 35.97 13.45
CA ILE C 175 -25.14 36.05 12.43
C ILE C 175 -24.60 37.46 12.33
N TYR C 176 -25.49 38.45 12.24
CA TYR C 176 -25.05 39.83 12.09
C TYR C 176 -24.31 40.32 13.34
N MET C 177 -24.68 39.78 14.51
CA MET C 177 -23.93 40.12 15.72
C MET C 177 -22.52 39.58 15.62
N ALA C 178 -22.39 38.34 15.16
CA ALA C 178 -21.08 37.72 15.01
C ALA C 178 -20.23 38.43 13.96
N LEU C 179 -20.88 38.88 12.88
CA LEU C 179 -20.19 39.63 11.83
C LEU C 179 -19.60 40.94 12.36
N SER C 180 -20.30 41.60 13.28
CA SER C 180 -19.80 42.86 13.80
C SER C 180 -18.67 42.63 14.81
N MET C 181 -18.59 41.41 15.34
CA MET C 181 -17.58 41.08 16.35
C MET C 181 -16.37 40.34 15.81
N ALA C 182 -16.45 39.88 14.56
CA ALA C 182 -15.40 39.00 14.03
C ALA C 182 -14.07 39.71 13.82
N ASP C 183 -12.98 39.04 14.16
CA ASP C 183 -11.65 39.50 13.82
C ASP C 183 -11.27 38.95 12.45
N ILE C 184 -11.77 37.74 12.14
CA ILE C 184 -11.53 37.10 10.86
C ILE C 184 -12.83 36.51 10.32
N PHE C 185 -13.17 36.85 9.08
CA PHE C 185 -14.32 36.29 8.40
C PHE C 185 -13.84 35.44 7.22
N ILE C 186 -14.28 34.19 7.16
CA ILE C 186 -13.86 33.26 6.10
C ILE C 186 -15.07 32.72 5.34
N ALA C 187 -15.10 32.95 4.02
CA ALA C 187 -16.16 32.38 3.20
C ALA C 187 -15.62 31.23 2.36
N ILE C 188 -16.27 30.08 2.48
CA ILE C 188 -15.76 28.83 1.88
C ILE C 188 -16.77 28.16 0.98
N GLY C 189 -16.41 27.94 -0.29
CA GLY C 189 -17.26 27.16 -1.16
C GLY C 189 -18.58 27.86 -1.54
N THR C 190 -18.54 29.17 -1.65
CA THR C 190 -19.78 29.89 -1.97
C THR C 190 -19.54 30.94 -3.08
N SER C 191 -20.49 31.03 -4.01
CA SER C 191 -20.23 31.70 -5.29
C SER C 191 -20.52 33.21 -5.26
N GLY C 192 -21.17 33.68 -4.22
CA GLY C 192 -21.46 35.10 -4.10
C GLY C 192 -22.62 35.56 -4.95
N HIS C 193 -23.50 34.63 -5.33
CA HIS C 193 -24.71 34.99 -6.07
C HIS C 193 -25.91 35.26 -5.19
N VAL C 194 -25.97 34.60 -4.04
CA VAL C 194 -27.20 34.65 -3.26
C VAL C 194 -27.06 35.53 -2.02
N TYR C 195 -27.92 36.53 -1.93
CA TYR C 195 -27.95 37.43 -0.80
C TYR C 195 -29.01 36.95 0.20
N PRO C 196 -28.88 37.33 1.47
CA PRO C 196 -27.87 38.22 2.07
C PRO C 196 -26.50 37.61 2.32
N ALA C 197 -26.33 36.29 2.18
CA ALA C 197 -25.05 35.67 2.52
C ALA C 197 -23.91 36.30 1.74
N ALA C 198 -24.14 36.58 0.46
CA ALA C 198 -23.10 37.19 -0.37
C ALA C 198 -22.67 38.58 0.11
N GLY C 199 -23.48 39.21 0.96
CA GLY C 199 -23.13 40.53 1.49
C GLY C 199 -22.39 40.47 2.82
N PHE C 200 -22.22 39.27 3.36
CA PHE C 200 -21.57 39.14 4.66
C PHE C 200 -20.14 39.68 4.62
N VAL C 201 -19.43 39.45 3.51
CA VAL C 201 -18.05 39.91 3.44
C VAL C 201 -17.97 41.43 3.61
N HIS C 202 -18.90 42.15 2.99
CA HIS C 202 -18.91 43.60 3.11
C HIS C 202 -19.18 44.03 4.54
N GLU C 203 -20.15 43.39 5.18
CA GLU C 203 -20.51 43.73 6.55
C GLU C 203 -19.35 43.49 7.51
N ALA C 204 -18.67 42.37 7.34
CA ALA C 204 -17.53 42.03 8.18
C ALA C 204 -16.43 43.07 8.06
N LYS C 205 -16.12 43.42 6.81
CA LYS C 205 -15.09 44.42 6.54
C LYS C 205 -15.44 45.79 7.15
N LEU C 206 -16.73 46.13 7.16
CA LEU C 206 -17.17 47.39 7.76
C LEU C 206 -16.86 47.46 9.25
N HIS C 207 -16.89 46.32 9.93
CA HIS C 207 -16.60 46.28 11.35
C HIS C 207 -15.15 45.88 11.63
N GLY C 208 -14.32 45.97 10.61
CA GLY C 208 -12.88 45.84 10.76
C GLY C 208 -12.28 44.46 10.61
N ALA C 209 -13.10 43.48 10.25
CA ALA C 209 -12.61 42.10 10.15
C ALA C 209 -11.66 41.90 8.99
N HIS C 210 -10.69 41.02 9.20
CA HIS C 210 -9.89 40.50 8.09
C HIS C 210 -10.74 39.47 7.38
N THR C 211 -10.78 39.56 6.06
CA THR C 211 -11.68 38.71 5.27
C THR C 211 -10.91 37.77 4.36
N VAL C 212 -11.36 36.52 4.29
CA VAL C 212 -10.67 35.47 3.53
C VAL C 212 -11.64 34.67 2.67
N GLU C 213 -11.35 34.53 1.38
CA GLU C 213 -12.15 33.69 0.50
C GLU C 213 -11.40 32.43 0.14
N LEU C 214 -12.02 31.28 0.42
CA LEU C 214 -11.47 29.96 0.05
C LEU C 214 -12.46 29.27 -0.87
N ASN C 215 -12.08 29.03 -2.12
CA ASN C 215 -13.02 28.54 -3.10
C ASN C 215 -12.32 27.84 -4.25
N LEU C 216 -13.06 27.01 -4.98
CA LEU C 216 -12.52 26.39 -6.20
C LEU C 216 -12.13 27.45 -7.23
N GLU C 217 -12.94 28.51 -7.32
CA GLU C 217 -12.70 29.59 -8.25
C GLU C 217 -13.17 30.91 -7.64
N PRO C 218 -12.64 32.04 -8.13
CA PRO C 218 -13.04 33.35 -7.61
C PRO C 218 -14.56 33.57 -7.69
N SER C 219 -15.15 34.00 -6.58
CA SER C 219 -16.59 34.20 -6.53
C SER C 219 -16.98 35.54 -7.12
N GLN C 220 -18.29 35.77 -7.17
CA GLN C 220 -18.84 37.02 -7.68
C GLN C 220 -18.46 38.20 -6.79
N VAL C 221 -18.10 37.93 -5.54
CA VAL C 221 -17.72 39.00 -4.62
C VAL C 221 -16.27 38.87 -4.15
N GLY C 222 -15.47 38.10 -4.88
CA GLY C 222 -14.10 37.80 -4.46
C GLY C 222 -13.24 39.03 -4.27
N ASN C 223 -13.53 40.08 -5.04
CA ASN C 223 -12.76 41.32 -4.97
C ASN C 223 -12.90 42.05 -3.63
N GLU C 224 -13.93 41.69 -2.87
CA GLU C 224 -14.17 42.32 -1.57
C GLU C 224 -13.25 41.78 -0.48
N PHE C 225 -12.71 40.60 -0.70
CA PHE C 225 -11.89 39.91 0.30
C PHE C 225 -10.42 40.38 0.28
N ALA C 226 -9.85 40.51 1.47
CA ALA C 226 -8.45 40.93 1.61
C ALA C 226 -7.49 39.80 1.26
N GLU C 227 -7.88 38.57 1.60
CA GLU C 227 -7.02 37.39 1.41
C GLU C 227 -7.81 36.31 0.67
N LYS C 228 -7.15 35.52 -0.16
CA LYS C 228 -7.87 34.52 -0.95
C LYS C 228 -6.98 33.39 -1.44
N TYR C 229 -7.53 32.18 -1.48
CA TYR C 229 -6.79 31.01 -2.00
C TYR C 229 -7.75 30.13 -2.77
N TYR C 230 -7.30 29.65 -3.94
CA TYR C 230 -8.21 28.92 -4.80
C TYR C 230 -7.70 27.52 -5.08
N GLY C 231 -8.65 26.59 -5.17
CA GLY C 231 -8.37 25.18 -5.33
C GLY C 231 -9.50 24.43 -4.67
N PRO C 232 -9.47 23.10 -4.77
CA PRO C 232 -10.50 22.26 -4.14
C PRO C 232 -10.48 22.42 -2.62
N ALA C 233 -11.66 22.51 -2.02
CA ALA C 233 -11.77 22.72 -0.59
C ALA C 233 -11.00 21.69 0.23
N SER C 234 -11.00 20.44 -0.23
CA SER C 234 -10.33 19.36 0.49
C SER C 234 -8.85 19.65 0.71
N GLN C 235 -8.28 20.46 -0.17
CA GLN C 235 -6.88 20.87 -0.07
C GLN C 235 -6.72 22.26 0.54
N VAL C 236 -7.50 23.23 0.05
CA VAL C 236 -7.31 24.62 0.45
C VAL C 236 -7.71 24.90 1.90
N VAL C 237 -8.77 24.25 2.37
CA VAL C 237 -9.29 24.57 3.70
C VAL C 237 -8.40 23.99 4.81
N PRO C 238 -8.03 22.70 4.74
CA PRO C 238 -7.12 22.25 5.80
C PRO C 238 -5.81 23.03 5.78
N GLU C 239 -5.34 23.40 4.59
CA GLU C 239 -4.13 24.20 4.51
C GLU C 239 -4.30 25.55 5.20
N PHE C 240 -5.40 26.26 4.93
CA PHE C 240 -5.57 27.56 5.58
C PHE C 240 -5.75 27.41 7.09
N VAL C 241 -6.55 26.43 7.49
CA VAL C 241 -6.85 26.19 8.90
C VAL C 241 -5.56 25.87 9.65
N GLU C 242 -4.69 25.10 9.01
CA GLU C 242 -3.45 24.68 9.65
C GLU C 242 -2.52 25.86 9.91
N LYS C 243 -2.49 26.79 8.97
CA LYS C 243 -1.63 27.97 9.07
C LYS C 243 -2.26 29.00 10.01
N LEU C 244 -3.57 28.91 10.17
CA LEU C 244 -4.26 29.70 11.19
C LEU C 244 -3.95 29.18 12.59
N LEU C 245 -4.12 27.88 12.79
CA LEU C 245 -3.86 27.26 14.09
C LEU C 245 -2.41 27.40 14.56
N LYS C 246 -1.45 27.28 13.65
CA LYS C 246 -0.05 27.47 14.05
C LYS C 246 0.29 28.92 14.31
N GLY C 247 -0.38 29.83 13.59
CA GLY C 247 -0.16 31.25 13.79
C GLY C 247 -0.68 31.69 15.14
N LEU C 248 -1.60 30.90 15.69
CA LEU C 248 -2.11 31.13 17.02
C LEU C 248 -1.01 30.91 18.04
N LYS C 249 -0.53 29.67 18.14
CA LYS C 249 0.53 29.33 19.06
C LYS C 249 1.88 29.86 18.57
N LYS D 15 60.86 -5.69 -13.73
CA LYS D 15 61.65 -5.45 -12.54
C LYS D 15 60.91 -4.67 -11.43
N PRO D 16 60.03 -3.70 -11.77
CA PRO D 16 59.33 -3.13 -10.61
C PRO D 16 58.37 -4.15 -10.00
N ARG D 17 58.21 -4.11 -8.69
CA ARG D 17 57.17 -4.89 -8.03
C ARG D 17 55.83 -4.19 -8.21
N VAL D 18 54.86 -4.90 -8.76
CA VAL D 18 53.55 -4.30 -9.05
C VAL D 18 52.45 -5.03 -8.31
N LEU D 19 51.65 -4.28 -7.57
CA LEU D 19 50.50 -4.86 -6.89
C LEU D 19 49.26 -4.23 -7.49
N VAL D 20 48.33 -5.06 -7.96
CA VAL D 20 47.09 -4.56 -8.53
C VAL D 20 45.91 -4.95 -7.64
N LEU D 21 45.07 -3.96 -7.31
CA LEU D 21 43.82 -4.18 -6.63
C LEU D 21 42.67 -3.97 -7.61
N THR D 22 41.77 -4.93 -7.73
CA THR D 22 40.59 -4.75 -8.58
C THR D 22 39.28 -4.84 -7.80
N GLY D 23 38.27 -4.17 -8.35
CA GLY D 23 36.93 -4.18 -7.79
C GLY D 23 35.90 -4.43 -8.88
N ALA D 24 34.63 -4.20 -8.56
CA ALA D 24 33.53 -4.62 -9.42
C ALA D 24 33.54 -3.97 -10.79
N GLY D 25 34.18 -2.81 -10.89
CA GLY D 25 34.19 -2.05 -12.12
C GLY D 25 34.90 -2.73 -13.26
N ILE D 26 35.84 -3.62 -12.96
CA ILE D 26 36.60 -4.27 -14.03
C ILE D 26 35.78 -5.41 -14.65
N SER D 27 34.70 -5.81 -13.98
CA SER D 27 33.86 -6.89 -14.51
C SER D 27 32.51 -6.38 -15.01
N ALA D 28 32.29 -5.07 -14.88
CA ALA D 28 31.03 -4.47 -15.33
C ALA D 28 30.77 -4.75 -16.81
N GLU D 29 31.79 -4.53 -17.64
CA GLU D 29 31.65 -4.70 -19.08
C GLU D 29 31.58 -6.17 -19.49
N SER D 30 31.79 -7.06 -18.53
CA SER D 30 31.68 -8.50 -18.76
C SER D 30 30.27 -9.00 -18.47
N GLY D 31 29.39 -8.07 -18.10
CA GLY D 31 28.01 -8.41 -17.84
C GLY D 31 27.67 -8.64 -16.37
N ILE D 32 28.61 -8.33 -15.48
CA ILE D 32 28.33 -8.42 -14.06
C ILE D 32 28.10 -7.01 -13.52
N ARG D 33 26.83 -6.67 -13.29
CA ARG D 33 26.47 -5.32 -12.91
C ARG D 33 27.06 -4.90 -11.58
N THR D 34 27.36 -3.62 -11.45
CA THR D 34 28.01 -3.09 -10.26
C THR D 34 27.02 -2.55 -9.23
N PHE D 35 27.52 -2.40 -8.00
N PHE D 35 27.49 -2.39 -8.00
CA PHE D 35 26.79 -1.75 -6.93
CA PHE D 35 26.67 -1.84 -6.93
C PHE D 35 26.47 -0.31 -7.31
C PHE D 35 26.42 -0.36 -7.16
N ARG D 36 25.19 -0.01 -7.57
CA ARG D 36 24.86 1.37 -7.85
C ARG D 36 24.72 2.14 -6.54
N ALA D 37 25.58 3.14 -6.38
CA ALA D 37 25.66 3.92 -5.15
C ALA D 37 24.44 4.83 -5.00
N ALA D 38 23.83 5.17 -6.14
CA ALA D 38 22.68 6.07 -6.20
C ALA D 38 21.53 5.59 -5.34
N ASP D 39 21.22 4.30 -5.42
CA ASP D 39 20.16 3.70 -4.62
C ASP D 39 20.68 3.00 -3.37
N GLY D 40 21.84 2.36 -3.47
CA GLY D 40 22.41 1.62 -2.36
C GLY D 40 21.91 0.20 -2.32
N LEU D 41 21.48 -0.30 -3.48
CA LEU D 41 20.94 -1.64 -3.62
C LEU D 41 21.85 -2.52 -4.49
N TRP D 42 21.96 -3.78 -4.12
CA TRP D 42 22.68 -4.76 -4.92
C TRP D 42 21.69 -5.78 -5.46
N GLU D 43 21.46 -5.75 -6.77
CA GLU D 43 20.44 -6.58 -7.40
C GLU D 43 19.09 -6.37 -6.69
N GLU D 44 18.77 -5.10 -6.46
CA GLU D 44 17.52 -4.69 -5.84
C GLU D 44 17.37 -5.21 -4.41
N HIS D 45 18.48 -5.59 -3.80
CA HIS D 45 18.49 -6.02 -2.40
C HIS D 45 19.27 -5.06 -1.52
N ARG D 46 18.81 -4.85 -0.30
CA ARG D 46 19.56 -4.05 0.66
C ARG D 46 20.77 -4.82 1.14
N VAL D 47 21.91 -4.13 1.25
CA VAL D 47 23.15 -4.74 1.68
C VAL D 47 22.99 -5.45 3.00
N GLU D 48 22.23 -4.82 3.88
CA GLU D 48 22.07 -5.30 5.22
C GLU D 48 21.43 -6.70 5.23
N ASP D 49 20.59 -6.97 4.23
CA ASP D 49 19.85 -8.23 4.18
C ASP D 49 20.61 -9.38 3.52
N VAL D 50 21.49 -9.08 2.57
CA VAL D 50 22.18 -10.14 1.84
C VAL D 50 23.69 -10.10 1.97
N GLY D 51 24.22 -9.10 2.67
CA GLY D 51 25.66 -8.93 2.79
C GLY D 51 26.19 -8.77 4.20
N THR D 52 25.46 -9.29 5.18
CA THR D 52 25.89 -9.27 6.58
C THR D 52 25.64 -10.63 7.22
N PRO D 53 26.40 -10.97 8.28
CA PRO D 53 26.16 -12.24 8.97
C PRO D 53 24.77 -12.28 9.58
N GLU D 54 24.31 -11.11 10.04
CA GLU D 54 23.02 -11.01 10.69
C GLU D 54 21.91 -11.28 9.68
N GLY D 55 22.10 -10.78 8.46
CA GLY D 55 21.13 -11.01 7.39
C GLY D 55 21.01 -12.50 7.09
N PHE D 56 22.14 -13.19 7.12
CA PHE D 56 22.17 -14.62 6.89
C PHE D 56 21.45 -15.34 8.02
N ASP D 57 21.64 -14.86 9.25
CA ASP D 57 20.97 -15.48 10.39
C ASP D 57 19.43 -15.32 10.35
N ARG D 58 18.88 -14.19 9.92
CA ARG D 58 17.41 -14.03 9.93
C ARG D 58 16.72 -14.74 8.78
N ASP D 59 17.38 -14.79 7.64
CA ASP D 59 16.71 -15.42 6.52
C ASP D 59 17.71 -16.14 5.64
N PRO D 60 18.23 -17.27 6.14
CA PRO D 60 19.25 -18.06 5.46
C PRO D 60 18.83 -18.48 4.07
N GLU D 61 17.56 -18.81 3.88
CA GLU D 61 17.13 -19.34 2.59
C GLU D 61 17.00 -18.23 1.55
N LEU D 62 16.68 -17.00 1.97
CA LEU D 62 16.69 -15.90 1.02
C LEU D 62 18.11 -15.60 0.59
N VAL D 63 19.00 -15.51 1.58
CA VAL D 63 20.41 -15.20 1.31
C VAL D 63 21.05 -16.29 0.48
N GLN D 64 20.76 -17.54 0.83
CA GLN D 64 21.26 -18.68 0.05
C GLN D 64 20.73 -18.61 -1.38
N ALA D 65 19.47 -18.21 -1.53
CA ALA D 65 18.86 -18.07 -2.85
C ALA D 65 19.51 -16.93 -3.64
N PHE D 66 19.85 -15.85 -2.95
CA PHE D 66 20.48 -14.70 -3.58
C PHE D 66 21.81 -15.10 -4.19
N TYR D 67 22.65 -15.76 -3.40
CA TYR D 67 23.96 -16.16 -3.88
C TYR D 67 23.88 -17.33 -4.87
N ASN D 68 22.88 -18.19 -4.72
CA ASN D 68 22.62 -19.21 -5.74
C ASN D 68 22.40 -18.55 -7.09
N ALA D 69 21.66 -17.46 -7.08
CA ALA D 69 21.39 -16.70 -8.29
C ALA D 69 22.67 -16.07 -8.84
N ARG D 70 23.47 -15.47 -7.97
CA ARG D 70 24.72 -14.85 -8.39
C ARG D 70 25.68 -15.88 -8.97
N ARG D 71 25.73 -17.06 -8.35
CA ARG D 71 26.62 -18.12 -8.77
C ARG D 71 26.23 -18.65 -10.15
N ARG D 72 24.94 -18.75 -10.41
CA ARG D 72 24.44 -19.22 -11.69
C ARG D 72 24.66 -18.20 -12.80
N GLN D 73 24.30 -16.94 -12.54
CA GLN D 73 24.53 -15.84 -13.49
C GLN D 73 26.00 -15.72 -13.88
N LEU D 74 26.87 -16.07 -12.95
CA LEU D 74 28.31 -16.01 -13.19
C LEU D 74 28.74 -16.99 -14.29
N GLN D 75 28.05 -18.11 -14.36
CA GLN D 75 28.45 -19.20 -15.26
C GLN D 75 27.64 -19.24 -16.54
N GLN D 76 26.96 -18.15 -16.85
CA GLN D 76 26.23 -18.05 -18.11
C GLN D 76 27.20 -17.81 -19.25
N PRO D 77 26.88 -18.31 -20.46
CA PRO D 77 27.78 -18.19 -21.61
C PRO D 77 28.12 -16.75 -21.99
N GLU D 78 27.20 -15.82 -21.80
CA GLU D 78 27.44 -14.44 -22.21
C GLU D 78 28.36 -13.69 -21.23
N ILE D 79 28.75 -14.34 -20.14
CA ILE D 79 29.69 -13.73 -19.19
C ILE D 79 31.10 -14.25 -19.45
N GLN D 80 31.98 -13.35 -19.88
CA GLN D 80 33.36 -13.71 -20.23
C GLN D 80 34.32 -12.58 -19.83
N PRO D 81 35.61 -12.92 -19.64
CA PRO D 81 36.60 -11.85 -19.42
C PRO D 81 36.60 -10.81 -20.52
N ASN D 82 36.82 -9.55 -20.17
CA ASN D 82 36.94 -8.50 -21.17
C ASN D 82 38.40 -8.11 -21.33
N ALA D 83 38.65 -7.10 -22.17
CA ALA D 83 40.02 -6.68 -22.51
C ALA D 83 40.86 -6.32 -21.29
N ALA D 84 40.21 -5.79 -20.27
CA ALA D 84 40.91 -5.43 -19.04
C ALA D 84 41.41 -6.65 -18.28
N HIS D 85 40.59 -7.69 -18.19
CA HIS D 85 41.00 -8.91 -17.51
C HIS D 85 42.20 -9.49 -18.26
N LEU D 86 42.11 -9.47 -19.59
CA LEU D 86 43.17 -10.08 -20.40
C LEU D 86 44.49 -9.33 -20.22
N ALA D 87 44.43 -8.00 -20.22
CA ALA D 87 45.62 -7.18 -20.03
C ALA D 87 46.35 -7.49 -18.72
N LEU D 88 45.60 -7.76 -17.66
CA LEU D 88 46.23 -8.12 -16.38
C LEU D 88 46.89 -9.50 -16.44
N ALA D 89 46.39 -10.37 -17.29
CA ALA D 89 47.02 -11.69 -17.46
C ALA D 89 48.34 -11.52 -18.20
N LYS D 90 48.36 -10.62 -19.18
CA LYS D 90 49.59 -10.30 -19.90
C LYS D 90 50.60 -9.65 -18.97
N LEU D 91 50.12 -8.84 -18.05
CA LEU D 91 51.01 -8.17 -17.10
C LEU D 91 51.69 -9.19 -16.18
N GLN D 92 50.94 -10.19 -15.73
CA GLN D 92 51.52 -11.20 -14.85
C GLN D 92 52.54 -12.03 -15.62
N ASP D 93 52.21 -12.35 -16.87
CA ASP D 93 53.12 -13.10 -17.74
C ASP D 93 54.48 -12.42 -17.81
N ALA D 94 54.45 -11.10 -17.88
CA ALA D 94 55.67 -10.32 -18.08
C ALA D 94 56.47 -10.09 -16.79
N LEU D 95 55.80 -10.10 -15.64
CA LEU D 95 56.44 -9.74 -14.38
C LEU D 95 56.76 -10.90 -13.44
N GLY D 96 56.09 -12.04 -13.66
CA GLY D 96 56.32 -13.20 -12.81
C GLY D 96 55.97 -12.96 -11.35
N ASP D 97 56.89 -13.31 -10.45
CA ASP D 97 56.60 -13.23 -9.02
C ASP D 97 56.74 -11.81 -8.48
N ARG D 98 57.04 -10.86 -9.36
CA ARG D 98 57.07 -9.46 -8.96
C ARG D 98 55.71 -8.82 -9.16
N PHE D 99 54.73 -9.64 -9.52
CA PHE D 99 53.36 -9.20 -9.73
C PHE D 99 52.44 -9.89 -8.72
N LEU D 100 51.51 -9.14 -8.14
CA LEU D 100 50.48 -9.76 -7.31
C LEU D 100 49.15 -9.11 -7.63
N LEU D 101 48.13 -9.93 -7.82
CA LEU D 101 46.79 -9.41 -8.09
C LEU D 101 45.88 -9.73 -6.91
N VAL D 102 45.31 -8.68 -6.33
CA VAL D 102 44.34 -8.80 -5.26
C VAL D 102 43.00 -8.32 -5.78
N THR D 103 41.95 -9.12 -5.65
CA THR D 103 40.62 -8.69 -6.09
C THR D 103 39.60 -8.71 -4.97
N GLN D 104 38.70 -7.74 -5.00
CA GLN D 104 37.54 -7.71 -4.12
C GLN D 104 36.39 -8.48 -4.75
N ASN D 105 36.55 -8.84 -6.02
CA ASN D 105 35.48 -9.53 -6.74
C ASN D 105 35.36 -11.00 -6.36
N CYS D 106 34.13 -11.50 -6.38
CA CYS D 106 33.90 -12.91 -6.08
CA CYS D 106 33.91 -12.91 -6.08
C CYS D 106 33.80 -13.73 -7.37
N ASP D 107 33.90 -13.04 -8.51
CA ASP D 107 33.83 -13.73 -9.80
C ASP D 107 35.15 -14.44 -10.07
N ASN D 108 35.19 -15.22 -11.13
CA ASN D 108 36.40 -15.94 -11.49
C ASN D 108 36.98 -15.47 -12.82
N LEU D 109 36.68 -14.23 -13.20
CA LEU D 109 37.06 -13.75 -14.53
C LEU D 109 38.56 -13.49 -14.65
N HIS D 110 39.23 -13.23 -13.53
CA HIS D 110 40.69 -13.07 -13.54
C HIS D 110 41.33 -14.40 -13.87
N GLU D 111 40.78 -15.44 -13.28
CA GLU D 111 41.26 -16.80 -13.47
C GLU D 111 41.00 -17.28 -14.91
N ARG D 112 39.82 -16.97 -15.43
CA ARG D 112 39.47 -17.34 -16.81
C ARG D 112 40.31 -16.57 -17.81
N ALA D 113 40.77 -15.39 -17.41
CA ALA D 113 41.60 -14.55 -18.26
C ALA D 113 43.03 -15.09 -18.34
N GLY D 114 43.43 -15.83 -17.31
CA GLY D 114 44.74 -16.45 -17.31
C GLY D 114 45.61 -16.09 -16.13
N ASN D 115 45.12 -15.21 -15.26
CA ASN D 115 45.88 -14.90 -14.06
C ASN D 115 45.91 -16.07 -13.12
N THR D 116 46.99 -16.20 -12.36
CA THR D 116 47.08 -17.22 -11.33
C THR D 116 47.47 -16.61 -9.99
N ASN D 117 47.24 -17.37 -8.91
CA ASN D 117 47.51 -16.93 -7.55
C ASN D 117 46.79 -15.62 -7.23
N VAL D 118 45.55 -15.53 -7.72
CA VAL D 118 44.71 -14.37 -7.45
C VAL D 118 44.25 -14.40 -6.00
N ILE D 119 44.49 -13.32 -5.27
CA ILE D 119 44.03 -13.24 -3.89
C ILE D 119 42.63 -12.64 -3.86
N HIS D 120 41.66 -13.45 -3.46
CA HIS D 120 40.27 -13.01 -3.34
C HIS D 120 40.02 -12.56 -1.92
N MET D 121 40.29 -11.30 -1.63
CA MET D 121 40.22 -10.81 -0.26
C MET D 121 38.78 -10.79 0.27
N HIS D 122 37.79 -10.80 -0.61
CA HIS D 122 36.40 -10.89 -0.18
C HIS D 122 35.74 -12.23 -0.54
N GLY D 123 36.55 -13.23 -0.88
CA GLY D 123 36.03 -14.56 -1.12
C GLY D 123 35.66 -14.84 -2.57
N GLU D 124 35.02 -15.99 -2.79
CA GLU D 124 34.71 -16.46 -4.14
C GLU D 124 33.32 -17.07 -4.23
N LEU D 125 32.60 -16.69 -5.29
CA LEU D 125 31.24 -17.16 -5.51
C LEU D 125 31.22 -18.67 -5.80
N LEU D 126 32.31 -19.17 -6.37
CA LEU D 126 32.38 -20.58 -6.73
C LEU D 126 32.98 -21.42 -5.61
N LYS D 127 32.84 -20.93 -4.38
CA LYS D 127 33.22 -21.70 -3.21
C LYS D 127 32.20 -21.54 -2.10
N VAL D 128 32.01 -22.58 -1.30
CA VAL D 128 31.21 -22.50 -0.09
C VAL D 128 32.02 -23.03 1.08
N ARG D 129 31.57 -22.74 2.29
CA ARG D 129 32.26 -23.20 3.48
C ARG D 129 31.29 -23.66 4.58
N CYS D 130 31.66 -24.75 5.26
CA CYS D 130 30.88 -25.28 6.37
C CYS D 130 30.90 -24.25 7.49
N SER D 131 29.75 -23.67 7.79
CA SER D 131 29.68 -22.44 8.59
C SER D 131 30.29 -22.52 9.99
N GLN D 132 30.58 -23.72 10.47
CA GLN D 132 31.29 -23.84 11.73
C GLN D 132 32.81 -23.73 11.54
N SER D 133 33.42 -24.70 10.86
CA SER D 133 34.87 -24.68 10.63
C SER D 133 35.22 -23.77 9.45
N GLY D 134 36.45 -23.28 9.42
CA GLY D 134 36.89 -22.43 8.33
C GLY D 134 37.11 -22.99 6.93
N GLN D 135 37.01 -24.31 6.74
CA GLN D 135 37.34 -24.88 5.44
C GLN D 135 36.40 -24.46 4.30
N ALA D 136 37.00 -23.97 3.22
CA ALA D 136 36.27 -23.61 2.01
C ALA D 136 36.27 -24.77 1.01
N LEU D 137 35.14 -24.97 0.34
CA LEU D 137 35.01 -26.08 -0.61
C LEU D 137 34.56 -25.56 -1.98
N ASP D 138 35.09 -26.16 -3.04
CA ASP D 138 34.68 -25.81 -4.39
C ASP D 138 33.19 -26.15 -4.57
N TRP D 139 32.47 -25.30 -5.30
CA TRP D 139 31.04 -25.44 -5.42
C TRP D 139 30.49 -24.59 -6.57
N THR D 140 29.89 -25.24 -7.56
CA THR D 140 29.45 -24.53 -8.77
C THR D 140 27.93 -24.47 -8.91
N GLY D 141 27.23 -25.31 -8.16
CA GLY D 141 25.79 -25.39 -8.27
C GLY D 141 25.06 -24.67 -7.15
N ASP D 142 23.74 -24.86 -7.10
CA ASP D 142 22.94 -24.27 -6.04
C ASP D 142 23.32 -24.83 -4.68
N VAL D 143 23.00 -24.08 -3.63
CA VAL D 143 23.13 -24.59 -2.27
C VAL D 143 21.76 -24.81 -1.66
N THR D 144 21.43 -26.07 -1.42
CA THR D 144 20.21 -26.48 -0.75
C THR D 144 20.63 -27.05 0.60
N PRO D 145 19.67 -27.46 1.46
CA PRO D 145 20.08 -28.12 2.70
C PRO D 145 20.89 -29.43 2.53
N GLU D 146 21.96 -29.38 1.75
CA GLU D 146 22.83 -30.54 1.51
C GLU D 146 23.98 -30.60 2.49
N ALA D 156 25.73 -30.07 8.70
CA ALA D 156 26.42 -28.78 8.69
C ALA D 156 25.82 -27.85 7.65
N PRO D 157 25.33 -26.68 8.09
CA PRO D 157 24.78 -25.65 7.20
C PRO D 157 25.88 -24.89 6.46
N LEU D 158 25.93 -25.04 5.14
CA LEU D 158 26.91 -24.34 4.32
C LEU D 158 26.53 -22.89 4.04
N ARG D 159 27.54 -22.04 3.90
CA ARG D 159 27.33 -20.65 3.53
C ARG D 159 28.24 -20.28 2.37
N PRO D 160 27.90 -19.22 1.62
CA PRO D 160 28.81 -18.74 0.57
C PRO D 160 30.18 -18.39 1.14
N HIS D 161 31.24 -18.73 0.42
CA HIS D 161 32.59 -18.36 0.84
C HIS D 161 32.82 -16.91 0.43
N VAL D 162 32.11 -16.02 1.10
CA VAL D 162 32.07 -14.62 0.72
C VAL D 162 32.24 -13.80 1.98
N VAL D 163 33.09 -12.78 1.95
CA VAL D 163 33.32 -11.98 3.15
C VAL D 163 32.22 -10.93 3.28
N TRP D 164 31.45 -11.03 4.34
CA TRP D 164 30.36 -10.08 4.57
C TRP D 164 30.86 -8.92 5.43
N PHE D 165 30.11 -7.83 5.43
CA PHE D 165 30.45 -6.68 6.26
C PHE D 165 30.53 -7.10 7.72
N GLY D 166 31.56 -6.61 8.41
CA GLY D 166 31.82 -7.02 9.78
C GLY D 166 32.73 -8.23 9.90
N GLU D 167 32.98 -8.90 8.78
CA GLU D 167 33.87 -10.06 8.79
C GLU D 167 35.26 -9.67 8.28
N MET D 168 36.28 -10.44 8.66
CA MET D 168 37.65 -10.14 8.28
C MET D 168 37.95 -10.57 6.84
N PRO D 169 38.52 -9.66 6.03
CA PRO D 169 38.90 -10.05 4.68
C PRO D 169 39.96 -11.14 4.70
N LEU D 170 40.12 -11.80 3.56
CA LEU D 170 41.03 -12.94 3.47
C LEU D 170 42.38 -12.51 2.91
N GLY D 171 43.44 -13.20 3.35
CA GLY D 171 44.76 -12.97 2.81
C GLY D 171 45.42 -11.65 3.15
N MET D 172 44.97 -11.00 4.22
CA MET D 172 45.46 -9.65 4.52
C MET D 172 46.96 -9.64 4.84
N ASP D 173 47.47 -10.70 5.43
CA ASP D 173 48.89 -10.75 5.78
C ASP D 173 49.76 -10.66 4.53
N GLU D 174 49.41 -11.45 3.52
CA GLU D 174 50.16 -11.45 2.27
C GLU D 174 49.97 -10.15 1.51
N ILE D 175 48.78 -9.56 1.62
CA ILE D 175 48.51 -8.32 0.91
C ILE D 175 49.32 -7.15 1.48
N TYR D 176 49.32 -7.01 2.80
CA TYR D 176 50.03 -5.89 3.42
C TYR D 176 51.55 -6.03 3.22
N MET D 177 52.04 -7.26 3.13
CA MET D 177 53.46 -7.44 2.83
C MET D 177 53.76 -6.93 1.43
N ALA D 178 52.88 -7.26 0.49
CA ALA D 178 53.05 -6.81 -0.89
C ALA D 178 52.93 -5.29 -1.00
N LEU D 179 52.02 -4.71 -0.23
CA LEU D 179 51.86 -3.25 -0.22
C LEU D 179 53.13 -2.55 0.23
N SER D 180 53.83 -3.13 1.20
CA SER D 180 55.04 -2.50 1.70
C SER D 180 56.21 -2.66 0.74
N MET D 181 56.10 -3.65 -0.15
CA MET D 181 57.18 -3.95 -1.10
C MET D 181 56.94 -3.37 -2.50
N ALA D 182 55.74 -2.89 -2.75
CA ALA D 182 55.38 -2.50 -4.12
C ALA D 182 56.12 -1.25 -4.61
N ASP D 183 56.55 -1.28 -5.85
CA ASP D 183 57.07 -0.11 -6.52
C ASP D 183 55.92 0.66 -7.18
N ILE D 184 54.92 -0.09 -7.64
CA ILE D 184 53.73 0.49 -8.26
C ILE D 184 52.48 -0.18 -7.72
N PHE D 185 51.53 0.63 -7.23
CA PHE D 185 50.24 0.11 -6.80
C PHE D 185 49.16 0.64 -7.74
N ILE D 186 48.34 -0.26 -8.28
CA ILE D 186 47.29 0.12 -9.22
C ILE D 186 45.92 -0.35 -8.73
N ALA D 187 44.99 0.59 -8.55
CA ALA D 187 43.64 0.24 -8.16
C ALA D 187 42.68 0.40 -9.35
N ILE D 188 41.96 -0.67 -9.67
CA ILE D 188 41.15 -0.71 -10.88
C ILE D 188 39.70 -1.05 -10.63
N GLY D 189 38.78 -0.18 -11.05
CA GLY D 189 37.37 -0.50 -10.96
C GLY D 189 36.82 -0.55 -9.55
N THR D 190 37.35 0.29 -8.67
CA THR D 190 36.91 0.25 -7.27
C THR D 190 36.65 1.66 -6.72
N SER D 191 35.57 1.79 -5.94
CA SER D 191 34.99 3.10 -5.66
C SER D 191 35.56 3.81 -4.43
N GLY D 192 36.32 3.09 -3.61
CA GLY D 192 36.92 3.67 -2.43
C GLY D 192 35.97 3.83 -1.26
N HIS D 193 34.87 3.07 -1.27
CA HIS D 193 33.92 3.10 -0.15
C HIS D 193 34.18 2.05 0.91
N VAL D 194 34.75 0.91 0.51
CA VAL D 194 34.83 -0.21 1.42
C VAL D 194 36.26 -0.42 1.90
N TYR D 195 36.41 -0.39 3.22
CA TYR D 195 37.70 -0.62 3.86
C TYR D 195 37.78 -2.09 4.30
N PRO D 196 39.00 -2.63 4.49
CA PRO D 196 40.30 -1.95 4.40
C PRO D 196 40.81 -1.71 2.98
N ALA D 197 40.16 -2.27 1.95
CA ALA D 197 40.68 -2.16 0.59
C ALA D 197 40.89 -0.71 0.18
N ALA D 198 39.93 0.16 0.54
CA ALA D 198 40.05 1.58 0.19
C ALA D 198 41.26 2.26 0.81
N GLY D 199 41.85 1.64 1.84
CA GLY D 199 43.01 2.22 2.49
C GLY D 199 44.34 1.75 1.93
N PHE D 200 44.28 0.81 0.99
CA PHE D 200 45.51 0.25 0.42
C PHE D 200 46.36 1.32 -0.25
N VAL D 201 45.72 2.28 -0.93
CA VAL D 201 46.48 3.30 -1.64
C VAL D 201 47.34 4.11 -0.67
N HIS D 202 46.79 4.42 0.50
CA HIS D 202 47.54 5.17 1.49
C HIS D 202 48.71 4.36 2.01
N GLU D 203 48.48 3.08 2.29
CA GLU D 203 49.53 2.20 2.80
C GLU D 203 50.66 2.05 1.80
N ALA D 204 50.31 1.90 0.53
CA ALA D 204 51.31 1.78 -0.52
C ALA D 204 52.16 3.05 -0.59
N LYS D 205 51.50 4.19 -0.56
CA LYS D 205 52.19 5.48 -0.61
C LYS D 205 53.14 5.67 0.58
N LEU D 206 52.75 5.18 1.76
CA LEU D 206 53.60 5.26 2.94
C LEU D 206 54.92 4.52 2.76
N HIS D 207 54.90 3.43 1.99
CA HIS D 207 56.10 2.65 1.77
C HIS D 207 56.78 3.00 0.45
N GLY D 208 56.39 4.14 -0.12
CA GLY D 208 57.09 4.73 -1.25
C GLY D 208 56.62 4.34 -2.64
N ALA D 209 55.54 3.59 -2.74
CA ALA D 209 55.05 3.13 -4.04
C ALA D 209 54.47 4.27 -4.88
N HIS D 210 54.65 4.16 -6.19
CA HIS D 210 53.92 5.01 -7.13
C HIS D 210 52.50 4.45 -7.21
N THR D 211 51.50 5.32 -7.14
CA THR D 211 50.11 4.87 -7.07
C THR D 211 49.30 5.32 -8.29
N VAL D 212 48.48 4.42 -8.81
CA VAL D 212 47.71 4.68 -10.04
C VAL D 212 46.27 4.25 -9.87
N GLU D 213 45.33 5.16 -10.17
CA GLU D 213 43.92 4.81 -10.15
C GLU D 213 43.41 4.73 -11.59
N LEU D 214 42.81 3.59 -11.93
CA LEU D 214 42.16 3.38 -13.22
C LEU D 214 40.69 3.05 -13.00
N ASN D 215 39.79 3.92 -13.46
CA ASN D 215 38.38 3.76 -13.09
C ASN D 215 37.47 4.45 -14.10
N LEU D 216 36.20 4.05 -14.13
CA LEU D 216 35.21 4.77 -14.94
C LEU D 216 35.08 6.22 -14.50
N GLU D 217 35.15 6.46 -13.19
CA GLU D 217 35.02 7.79 -12.63
C GLU D 217 35.88 7.91 -11.37
N PRO D 218 36.25 9.15 -11.00
CA PRO D 218 37.07 9.36 -9.79
C PRO D 218 36.47 8.71 -8.53
N SER D 219 37.28 7.95 -7.80
CA SER D 219 36.80 7.25 -6.62
C SER D 219 36.77 8.16 -5.40
N GLN D 220 36.28 7.62 -4.29
CA GLN D 220 36.23 8.36 -3.04
C GLN D 220 37.61 8.66 -2.50
N VAL D 221 38.61 7.90 -2.93
CA VAL D 221 39.98 8.11 -2.49
C VAL D 221 40.91 8.49 -3.64
N GLY D 222 40.33 8.93 -4.76
CA GLY D 222 41.10 9.20 -5.96
C GLY D 222 42.17 10.24 -5.75
N ASN D 223 41.92 11.16 -4.83
CA ASN D 223 42.87 12.23 -4.55
C ASN D 223 44.17 11.73 -3.92
N GLU D 224 44.17 10.51 -3.42
CA GLU D 224 45.36 9.92 -2.81
C GLU D 224 46.37 9.42 -3.83
N PHE D 225 45.89 9.17 -5.06
CA PHE D 225 46.72 8.59 -6.12
C PHE D 225 47.58 9.62 -6.86
N ALA D 226 48.81 9.22 -7.18
CA ALA D 226 49.73 10.08 -7.91
C ALA D 226 49.36 10.18 -9.39
N GLU D 227 48.89 9.07 -9.96
CA GLU D 227 48.58 9.00 -11.38
C GLU D 227 47.16 8.44 -11.55
N LYS D 228 46.46 8.89 -12.58
CA LYS D 228 45.06 8.44 -12.73
C LYS D 228 44.55 8.59 -14.16
N TYR D 229 43.72 7.63 -14.59
CA TYR D 229 43.10 7.69 -15.90
C TYR D 229 41.67 7.19 -15.83
N TYR D 230 40.75 7.91 -16.47
CA TYR D 230 39.34 7.58 -16.34
C TYR D 230 38.71 7.25 -17.68
N GLY D 231 37.80 6.29 -17.65
CA GLY D 231 37.16 5.76 -18.82
C GLY D 231 36.82 4.31 -18.51
N PRO D 232 36.14 3.64 -19.44
CA PRO D 232 35.79 2.24 -19.26
C PRO D 232 37.04 1.37 -19.15
N ALA D 233 37.01 0.40 -18.23
CA ALA D 233 38.17 -0.45 -17.98
C ALA D 233 38.67 -1.14 -19.26
N SER D 234 37.75 -1.56 -20.11
CA SER D 234 38.10 -2.28 -21.34
C SER D 234 39.06 -1.48 -22.23
N GLN D 235 39.02 -0.17 -22.13
CA GLN D 235 39.91 0.71 -22.87
C GLN D 235 41.09 1.19 -22.02
N VAL D 236 40.80 1.66 -20.81
CA VAL D 236 41.81 2.29 -19.96
C VAL D 236 42.89 1.32 -19.47
N VAL D 237 42.50 0.10 -19.12
CA VAL D 237 43.45 -0.83 -18.51
C VAL D 237 44.42 -1.39 -19.55
N PRO D 238 43.92 -1.85 -20.73
CA PRO D 238 44.91 -2.28 -21.71
C PRO D 238 45.83 -1.14 -22.12
N GLU D 239 45.29 0.07 -22.19
CA GLU D 239 46.10 1.25 -22.50
C GLU D 239 47.20 1.46 -21.46
N PHE D 240 46.86 1.41 -20.19
CA PHE D 240 47.90 1.62 -19.18
C PHE D 240 48.91 0.49 -19.14
N VAL D 241 48.42 -0.75 -19.20
CA VAL D 241 49.27 -1.93 -19.13
C VAL D 241 50.25 -1.98 -20.27
N GLU D 242 49.77 -1.61 -21.45
CA GLU D 242 50.63 -1.65 -22.63
C GLU D 242 51.75 -0.65 -22.55
N LYS D 243 51.47 0.51 -21.96
CA LYS D 243 52.47 1.56 -21.87
C LYS D 243 53.40 1.28 -20.70
N LEU D 244 52.94 0.48 -19.75
CA LEU D 244 53.80 -0.02 -18.69
C LEU D 244 54.78 -1.06 -19.24
N LEU D 245 54.27 -2.04 -19.96
CA LEU D 245 55.10 -3.10 -20.54
C LEU D 245 56.17 -2.56 -21.49
N LYS D 246 55.81 -1.58 -22.32
CA LYS D 246 56.81 -0.96 -23.22
C LYS D 246 57.78 -0.04 -22.52
N GLY D 247 57.37 0.57 -21.42
CA GLY D 247 58.26 1.40 -20.64
C GLY D 247 59.32 0.54 -19.97
N LEU D 248 59.01 -0.74 -19.80
CA LEU D 248 59.93 -1.70 -19.23
C LEU D 248 61.16 -1.89 -20.11
N LYS D 249 60.95 -2.38 -21.33
CA LYS D 249 62.05 -2.58 -22.28
C LYS D 249 62.55 -1.25 -22.83
N GLY E 2 -15.04 -13.42 -5.34
CA GLY E 2 -14.24 -12.22 -5.50
C GLY E 2 -13.29 -12.01 -4.34
N GLY E 3 -13.31 -10.82 -3.76
CA GLY E 3 -12.42 -10.52 -2.66
C GLY E 3 -11.11 -9.98 -3.20
N ALA E 4 -10.21 -9.60 -2.29
CA ALA E 4 -8.93 -9.04 -2.66
C ALA E 4 -7.97 -10.13 -3.12
N LYS E 5 -6.92 -9.74 -3.81
N LYS E 5 -6.91 -9.74 -3.81
CA LYS E 5 -5.87 -10.70 -4.26
CA LYS E 5 -5.85 -10.68 -4.25
C LYS E 5 -5.25 -11.36 -3.08
C LYS E 5 -5.30 -11.36 -3.03
N ARG E 6 -5.33 -12.68 -3.01
CA ARG E 6 -4.93 -13.38 -1.80
CA ARG E 6 -4.95 -13.40 -1.81
C ARG E 6 -4.35 -14.76 -2.10
N HIS E 7 -3.32 -15.10 -1.34
CA HIS E 7 -2.65 -16.37 -1.51
C HIS E 7 -3.26 -17.44 -0.62
N ARG E 8 -3.25 -18.64 -1.20
CA ARG E 8 -3.80 -19.85 -0.63
C ARG E 8 -3.35 -20.16 0.80
N LYS E 9 -2.21 -19.62 1.24
CA LYS E 9 -1.80 -19.71 2.64
C LYS E 9 -1.67 -18.37 3.36
N ILE E 10 -2.06 -18.37 4.63
CA ILE E 10 -2.16 -17.14 5.42
C ILE E 10 -1.05 -17.04 6.46
N GLY F 2 -5.86 1.19 4.01
CA GLY F 2 -7.04 0.35 4.03
C GLY F 2 -6.77 -1.01 3.45
N GLY F 3 -7.60 -1.43 2.50
CA GLY F 3 -7.43 -2.72 1.87
C GLY F 3 -8.14 -3.81 2.65
N ALA F 4 -8.08 -5.03 2.14
CA ALA F 4 -8.77 -6.14 2.78
C ALA F 4 -8.01 -6.64 4.00
N LYS F 5 -8.68 -7.42 4.84
N LYS F 5 -8.69 -7.42 4.85
CA LYS F 5 -8.07 -7.99 6.07
CA LYS F 5 -8.07 -8.02 6.06
C LYS F 5 -6.96 -8.92 5.68
C LYS F 5 -6.95 -8.92 5.64
N ARG F 6 -5.73 -8.59 6.08
CA ARG F 6 -4.56 -9.31 5.60
CA ARG F 6 -4.55 -9.28 5.59
C ARG F 6 -3.48 -9.45 6.66
N HIS F 7 -2.82 -10.61 6.67
CA HIS F 7 -1.80 -10.89 7.63
C HIS F 7 -0.43 -10.50 7.10
N ARG F 8 0.38 -9.94 8.00
CA ARG F 8 1.73 -9.47 7.69
C ARG F 8 2.64 -10.47 6.96
N LYS F 9 2.39 -11.78 7.02
CA LYS F 9 3.19 -12.70 6.20
C LYS F 9 2.28 -13.39 5.21
N ILE F 10 2.77 -13.60 3.99
CA ILE F 10 1.95 -14.08 2.89
C ILE F 10 2.19 -15.55 2.52
N LEU F 11 3.43 -16.00 2.64
CA LEU F 11 3.84 -17.34 2.19
C LEU F 11 3.57 -17.51 0.69
N GLY G 2 -29.44 42.64 4.95
CA GLY G 2 -30.35 41.54 5.20
C GLY G 2 -31.28 41.29 4.03
N GLY G 3 -32.57 41.23 4.32
CA GLY G 3 -33.54 40.98 3.28
C GLY G 3 -33.76 39.50 3.08
N ALA G 4 -34.68 39.15 2.19
CA ALA G 4 -35.00 37.76 1.94
C ALA G 4 -33.94 37.11 1.06
N LYS G 5 -33.92 35.77 1.06
N LYS G 5 -33.92 35.78 1.05
CA LYS G 5 -33.00 35.01 0.19
CA LYS G 5 -32.96 35.03 0.20
C LYS G 5 -33.27 35.43 -1.22
C LYS G 5 -33.24 35.32 -1.25
N ARG G 6 -32.25 35.89 -1.92
CA ARG G 6 -32.46 36.43 -3.26
CA ARG G 6 -32.46 36.43 -3.27
C ARG G 6 -31.26 36.22 -4.16
N HIS G 7 -31.52 35.87 -5.42
CA HIS G 7 -30.44 35.62 -6.35
C HIS G 7 -30.07 36.90 -7.05
N ARG G 8 -28.77 37.01 -7.20
CA ARG G 8 -28.11 38.15 -7.78
C ARG G 8 -28.65 38.58 -9.16
N LYS G 9 -29.28 37.72 -9.95
CA LYS G 9 -29.97 38.22 -11.15
C LYS G 9 -31.47 37.92 -11.11
N ILE G 10 -32.26 38.94 -11.45
CA ILE G 10 -33.72 38.85 -11.39
C ILE G 10 -34.34 38.98 -12.78
N GLY H 2 43.98 -2.26 8.69
CA GLY H 2 43.20 -3.44 8.40
C GLY H 2 41.79 -3.33 8.92
N GLY H 3 41.44 -4.23 9.83
CA GLY H 3 40.10 -4.25 10.40
C GLY H 3 39.14 -5.00 9.50
N ALA H 4 37.90 -5.12 9.94
CA ALA H 4 36.91 -5.91 9.21
C ALA H 4 36.38 -5.15 8.00
N LYS H 5 35.74 -5.88 7.10
N LYS H 5 35.75 -5.89 7.09
CA LYS H 5 35.16 -5.27 5.86
CA LYS H 5 35.13 -5.27 5.89
C LYS H 5 34.08 -4.30 6.24
C LYS H 5 34.08 -4.29 6.31
N ARG H 6 34.27 -3.04 5.90
N ARG H 6 34.27 -3.03 5.93
CA ARG H 6 33.39 -1.98 6.40
CA ARG H 6 33.42 -1.95 6.43
C ARG H 6 33.19 -0.86 5.39
C ARG H 6 33.18 -0.86 5.38
N HIS H 7 31.97 -0.33 5.35
CA HIS H 7 31.63 0.74 4.42
C HIS H 7 31.80 2.08 5.12
N ARG H 8 32.48 3.01 4.45
CA ARG H 8 32.70 4.32 5.03
C ARG H 8 31.35 5.05 5.00
N LYS H 9 30.67 5.03 6.14
CA LYS H 9 29.28 5.49 6.21
C LYS H 9 28.99 6.47 7.35
#